data_3MJS
#
_entry.id   3MJS
#
_cell.length_a   61.439
_cell.length_b   63.710
_cell.length_c   71.824
_cell.angle_alpha   72.77
_cell.angle_beta   67.09
_cell.angle_gamma   89.79
#
_symmetry.space_group_name_H-M   'P 1'
#
loop_
_entity.id
_entity.type
_entity.pdbx_description
1 polymer AmphB
2 non-polymer 'NADPH DIHYDRO-NICOTINAMIDE-ADENINE-DINUCLEOTIDE PHOSPHATE'
3 non-polymer '(2S)-2-hydroxybutanedioic acid'
4 non-polymer D-MALATE
5 non-polymer GLYCEROL
6 water water
#
_entity_poly.entity_id   1
_entity_poly.type   'polypeptide(L)'
_entity_poly.pdbx_seq_one_letter_code
;MGSSHHHHHHSSGLVPRGSHMDALRYHIEWNRVAEPGTARPAGRLLAVISPDHAGAPWVTAVLDALGPDTVRFEAKGTDR
AAWAAQLAQLREDEGEFHAVVSLLAAAEALHTDHGSVPLGLAQTLLLAQALGDAGLTAPLWCLTRGGVAAGRGDVLSSPV
QGALWGLGRVIGLEHPDRWGGLIDLPETVDTRAAARLTGLLADAGGEDQLAIRGSGVLARRLAHAAPAVPGSGKRPPVHG
SVLVTGGTGGIGGRVARRLAEQGAAHLVLTSRRGADAPGAAELRAELEQLGVRVTIAACDAADREALAALLAELPEDAPL
TAVFHSAGVAHDDAPVADLTLGQLDALMRAKLTAARHLHELTADLDLDAFVLFSSGAAVWGSGGQPGYAAANAYLDALAE
HRRSLGLTASSVAWGTWGEVGMATDPEVHDRLVRQGVLAMEPEHALGALDQMLENDDTAAAITLMDWEMFAPAFTANRPS
ALLSTVPEAVSALSDE
;
_entity_poly.pdbx_strand_id   A,B
#
# COMPACT_ATOMS: atom_id res chain seq x y z
N SER A 19 0.41 7.83 16.05
CA SER A 19 1.16 7.49 14.82
C SER A 19 2.33 6.70 15.33
N HIS A 20 2.68 6.86 16.60
CA HIS A 20 3.75 6.11 17.22
C HIS A 20 3.37 4.58 17.26
N MET A 21 2.13 4.32 17.61
CA MET A 21 1.58 2.98 17.57
C MET A 21 1.30 2.50 16.13
N ASP A 22 0.80 3.34 15.21
CA ASP A 22 0.65 2.93 13.84
C ASP A 22 1.98 2.44 13.29
N ALA A 23 3.07 3.08 13.70
CA ALA A 23 4.39 2.82 13.11
C ALA A 23 4.88 1.41 13.48
N LEU A 24 4.26 0.82 14.46
CA LEU A 24 4.62 -0.58 14.93
C LEU A 24 3.89 -1.61 14.05
N ARG A 25 2.87 -1.26 13.29
CA ARG A 25 1.99 -2.29 12.64
C ARG A 25 2.36 -2.48 11.20
N TYR A 26 2.55 -3.72 10.79
CA TYR A 26 2.81 -4.13 9.44
C TYR A 26 1.86 -5.23 9.05
N HIS A 27 1.62 -5.40 7.77
CA HIS A 27 0.94 -6.57 7.39
C HIS A 27 1.52 -7.19 6.15
N ILE A 28 1.20 -8.45 5.96
CA ILE A 28 1.54 -9.25 4.78
C ILE A 28 0.51 -8.97 3.68
N GLU A 29 1.03 -8.71 2.49
CA GLU A 29 0.18 -8.54 1.31
C GLU A 29 0.80 -9.41 0.27
N TRP A 30 0.02 -9.62 -0.81
CA TRP A 30 0.45 -10.39 -1.93
C TRP A 30 0.32 -9.55 -3.20
N ASN A 31 1.39 -9.44 -3.93
CA ASN A 31 1.38 -8.62 -5.12
C ASN A 31 1.65 -9.48 -6.34
N ARG A 32 1.06 -9.03 -7.46
CA ARG A 32 1.27 -9.81 -8.71
C ARG A 32 2.69 -9.60 -9.19
N VAL A 33 3.35 -10.67 -9.68
CA VAL A 33 4.66 -10.59 -10.26
C VAL A 33 4.59 -11.07 -11.71
N ALA A 34 5.74 -11.05 -12.36
CA ALA A 34 5.75 -11.37 -13.80
C ALA A 34 5.40 -12.80 -14.09
N GLU A 35 4.73 -13.00 -15.22
CA GLU A 35 4.62 -14.38 -15.73
C GLU A 35 5.98 -14.94 -15.98
N PRO A 36 6.27 -16.18 -15.53
CA PRO A 36 7.58 -16.75 -15.87
C PRO A 36 7.70 -17.18 -17.35
N GLY A 37 8.94 -17.56 -17.69
CA GLY A 37 9.22 -18.15 -18.99
C GLY A 37 8.44 -19.43 -19.28
N THR A 38 8.54 -19.89 -20.53
CA THR A 38 7.74 -21.02 -21.08
C THR A 38 8.51 -22.31 -21.11
N ALA A 39 9.81 -22.33 -20.88
CA ALA A 39 10.60 -23.56 -20.99
C ALA A 39 10.76 -24.20 -19.63
N ARG A 40 10.66 -25.50 -19.61
CA ARG A 40 10.89 -26.18 -18.36
C ARG A 40 12.38 -26.13 -18.03
N PRO A 41 12.72 -26.43 -16.77
CA PRO A 41 14.15 -26.45 -16.50
C PRO A 41 14.94 -27.39 -17.40
N ALA A 42 16.15 -27.02 -17.79
CA ALA A 42 16.95 -27.88 -18.70
C ALA A 42 17.47 -29.14 -18.02
N GLY A 43 17.97 -28.97 -16.78
CA GLY A 43 18.53 -30.11 -15.98
C GLY A 43 17.36 -30.91 -15.36
N ARG A 44 17.69 -32.03 -14.71
CA ARG A 44 16.74 -32.92 -14.16
C ARG A 44 16.28 -32.41 -12.79
N LEU A 45 14.98 -32.57 -12.56
CA LEU A 45 14.39 -32.31 -11.23
C LEU A 45 14.38 -33.57 -10.45
N LEU A 46 14.44 -33.40 -9.11
CA LEU A 46 14.23 -34.48 -8.17
C LEU A 46 12.96 -34.15 -7.39
N ALA A 47 11.90 -34.95 -7.52
CA ALA A 47 10.67 -34.76 -6.75
C ALA A 47 10.66 -35.62 -5.54
N VAL A 48 10.26 -35.10 -4.40
CA VAL A 48 10.26 -35.83 -3.15
C VAL A 48 8.82 -35.96 -2.69
N ILE A 49 8.41 -37.20 -2.51
CA ILE A 49 7.00 -37.58 -2.22
C ILE A 49 6.92 -38.27 -0.87
N SER A 50 5.87 -38.01 -0.09
CA SER A 50 5.59 -38.74 1.14
C SER A 50 4.71 -39.89 0.64
N PRO A 51 5.22 -41.12 0.67
CA PRO A 51 4.56 -42.19 -0.02
C PRO A 51 3.18 -42.59 0.56
N ASP A 52 2.90 -42.32 1.83
CA ASP A 52 1.52 -42.56 2.34
C ASP A 52 0.57 -41.40 2.05
N HIS A 53 1.07 -40.34 1.47
CA HIS A 53 0.30 -39.13 1.38
C HIS A 53 0.66 -38.51 0.06
N ALA A 54 0.40 -39.26 -1.01
CA ALA A 54 0.76 -38.91 -2.35
C ALA A 54 -0.50 -38.97 -3.21
N GLY A 55 -1.64 -39.02 -2.57
CA GLY A 55 -2.94 -39.24 -3.30
C GLY A 55 -3.72 -38.01 -3.64
N ALA A 56 -3.35 -36.86 -3.06
CA ALA A 56 -4.15 -35.65 -3.23
C ALA A 56 -4.11 -35.23 -4.68
N PRO A 57 -5.21 -34.66 -5.16
CA PRO A 57 -5.17 -34.25 -6.58
C PRO A 57 -4.01 -33.34 -6.94
N TRP A 58 -3.67 -32.35 -6.09
CA TRP A 58 -2.65 -31.47 -6.51
C TRP A 58 -1.28 -32.15 -6.58
N VAL A 59 -1.05 -33.22 -5.77
CA VAL A 59 0.23 -33.95 -5.84
C VAL A 59 0.34 -34.67 -7.21
N THR A 60 -0.77 -35.26 -7.69
CA THR A 60 -0.79 -35.78 -9.06
C THR A 60 -0.59 -34.80 -10.12
N ALA A 61 -1.23 -33.60 -9.96
CA ALA A 61 -1.08 -32.64 -10.96
C ALA A 61 0.33 -32.12 -11.03
N VAL A 62 1.00 -31.90 -9.88
CA VAL A 62 2.39 -31.49 -9.88
C VAL A 62 3.28 -32.54 -10.44
N LEU A 63 3.15 -33.82 -10.00
CA LEU A 63 4.02 -34.85 -10.62
C LEU A 63 3.89 -34.92 -12.14
N ASP A 64 2.62 -34.78 -12.56
CA ASP A 64 2.39 -34.79 -14.04
C ASP A 64 3.04 -33.62 -14.71
N ALA A 65 3.01 -32.42 -14.03
CA ALA A 65 3.59 -31.23 -14.70
C ALA A 65 5.15 -31.35 -14.75
N LEU A 66 5.74 -32.02 -13.74
CA LEU A 66 7.21 -32.16 -13.78
C LEU A 66 7.70 -33.08 -14.87
N GLY A 67 6.85 -33.99 -15.29
CA GLY A 67 7.20 -34.89 -16.42
C GLY A 67 7.89 -36.14 -16.05
N PRO A 68 7.83 -37.09 -16.98
CA PRO A 68 8.30 -38.45 -16.55
C PRO A 68 9.81 -38.62 -16.44
N ASP A 69 10.56 -37.64 -16.91
CA ASP A 69 12.03 -37.61 -16.73
C ASP A 69 12.44 -37.17 -15.36
N THR A 70 11.55 -36.61 -14.59
CA THR A 70 11.86 -36.20 -13.20
C THR A 70 12.16 -37.43 -12.33
N VAL A 71 13.22 -37.41 -11.53
CA VAL A 71 13.58 -38.56 -10.65
C VAL A 71 12.68 -38.43 -9.44
N ARG A 72 12.24 -39.55 -8.87
CA ARG A 72 11.30 -39.50 -7.74
C ARG A 72 11.96 -40.18 -6.56
N PHE A 73 11.88 -39.53 -5.40
CA PHE A 73 12.38 -40.07 -4.16
C PHE A 73 11.22 -40.15 -3.21
N GLU A 74 10.93 -41.33 -2.67
CA GLU A 74 9.90 -41.49 -1.70
C GLU A 74 10.60 -41.39 -0.33
N ALA A 75 10.18 -40.40 0.47
CA ALA A 75 10.78 -40.14 1.79
C ALA A 75 10.00 -40.92 2.80
N LYS A 76 10.51 -42.07 3.23
CA LYS A 76 9.74 -43.02 4.05
C LYS A 76 10.06 -42.80 5.49
N GLY A 77 9.00 -42.65 6.28
CA GLY A 77 9.24 -42.49 7.69
C GLY A 77 9.94 -41.15 7.99
N THR A 78 10.78 -41.20 8.99
CA THR A 78 11.57 -40.03 9.42
C THR A 78 12.93 -40.48 9.80
N ASP A 79 13.78 -40.69 8.80
CA ASP A 79 15.09 -41.34 9.12
C ASP A 79 16.15 -40.61 8.34
N ARG A 80 16.70 -39.57 9.00
CA ARG A 80 17.72 -38.71 8.40
C ARG A 80 18.87 -39.44 7.79
N ALA A 81 19.42 -40.41 8.55
CA ALA A 81 20.65 -41.11 8.04
C ALA A 81 20.29 -42.03 6.89
N ALA A 82 19.16 -42.71 6.96
CA ALA A 82 18.77 -43.51 5.83
C ALA A 82 18.55 -42.63 4.56
N TRP A 83 17.87 -41.46 4.71
CA TRP A 83 17.66 -40.64 3.53
C TRP A 83 18.94 -40.07 3.01
N ALA A 84 19.85 -39.62 3.92
CA ALA A 84 21.15 -39.12 3.46
C ALA A 84 21.87 -40.15 2.55
N ALA A 85 21.82 -41.43 2.95
CA ALA A 85 22.43 -42.48 2.16
C ALA A 85 21.71 -42.65 0.80
N GLN A 86 20.36 -42.57 0.82
CA GLN A 86 19.60 -42.79 -0.43
C GLN A 86 19.76 -41.64 -1.40
N LEU A 87 19.84 -40.39 -0.84
CA LEU A 87 20.07 -39.22 -1.62
C LEU A 87 21.45 -39.16 -2.23
N ALA A 88 22.41 -39.57 -1.40
CA ALA A 88 23.81 -39.63 -1.91
C ALA A 88 23.90 -40.60 -3.12
N GLN A 89 23.23 -41.71 -3.03
CA GLN A 89 23.19 -42.66 -4.20
C GLN A 89 22.55 -42.05 -5.44
N LEU A 90 21.47 -41.30 -5.25
CA LEU A 90 20.77 -40.67 -6.38
C LEU A 90 21.65 -39.65 -7.02
N ARG A 91 22.31 -38.90 -6.18
CA ARG A 91 23.19 -37.80 -6.66
C ARG A 91 24.47 -38.30 -7.38
N GLU A 92 24.77 -39.54 -6.96
CA GLU A 92 25.97 -40.18 -7.56
C GLU A 92 25.51 -40.64 -8.95
N ASP A 93 24.56 -41.40 -9.06
CA ASP A 93 23.96 -41.93 -10.32
C ASP A 93 23.53 -40.83 -11.32
N GLU A 94 22.94 -39.73 -10.81
CA GLU A 94 22.35 -38.70 -11.68
C GLU A 94 23.25 -37.49 -11.99
N GLY A 95 24.22 -37.24 -11.13
CA GLY A 95 24.90 -35.97 -11.14
C GLY A 95 23.91 -34.92 -10.60
N GLU A 96 24.34 -33.66 -10.67
CA GLU A 96 23.61 -32.52 -10.11
C GLU A 96 22.17 -32.43 -10.67
N PHE A 97 21.27 -32.05 -9.78
CA PHE A 97 19.87 -31.83 -10.19
C PHE A 97 19.75 -30.31 -10.43
N HIS A 98 18.70 -29.89 -11.13
CA HIS A 98 18.45 -28.50 -11.29
C HIS A 98 17.77 -27.94 -10.05
N ALA A 99 16.87 -28.74 -9.43
CA ALA A 99 16.13 -28.33 -8.21
C ALA A 99 15.57 -29.57 -7.62
N VAL A 100 15.28 -29.47 -6.34
CA VAL A 100 14.55 -30.42 -5.57
C VAL A 100 13.17 -29.90 -5.31
N VAL A 101 12.13 -30.66 -5.66
CA VAL A 101 10.78 -30.20 -5.53
C VAL A 101 10.11 -31.11 -4.52
N SER A 102 9.81 -30.58 -3.33
CA SER A 102 9.21 -31.32 -2.27
C SER A 102 7.70 -31.24 -2.26
N LEU A 103 7.04 -32.42 -2.29
CA LEU A 103 5.55 -32.52 -2.16
C LEU A 103 5.25 -33.09 -0.73
N LEU A 104 6.18 -33.01 0.24
CA LEU A 104 5.97 -33.55 1.57
C LEU A 104 4.86 -32.88 2.32
N ALA A 105 4.55 -31.61 1.96
CA ALA A 105 3.51 -30.89 2.72
C ALA A 105 2.16 -31.58 2.72
N ALA A 106 1.92 -32.39 1.70
CA ALA A 106 0.66 -33.13 1.67
C ALA A 106 0.48 -34.12 2.80
N ALA A 107 1.52 -34.49 3.52
CA ALA A 107 1.38 -35.28 4.72
C ALA A 107 0.99 -34.40 5.90
N GLU A 108 -0.33 -34.27 6.08
CA GLU A 108 -0.83 -33.46 7.20
C GLU A 108 -1.12 -34.25 8.46
N ALA A 109 -1.26 -35.61 8.38
CA ALA A 109 -1.43 -36.46 9.53
C ALA A 109 -0.30 -36.22 10.54
N LEU A 110 -0.63 -36.23 11.79
CA LEU A 110 0.38 -36.11 12.86
C LEU A 110 1.34 -37.30 12.92
N HIS A 111 2.61 -36.99 13.18
CA HIS A 111 3.61 -38.03 13.33
C HIS A 111 3.21 -38.93 14.53
N THR A 112 3.42 -40.21 14.31
CA THR A 112 2.98 -41.19 15.31
C THR A 112 3.73 -41.07 16.63
N ASP A 113 4.97 -40.52 16.59
CA ASP A 113 5.74 -40.48 17.85
C ASP A 113 5.85 -39.08 18.43
N HIS A 114 5.37 -38.11 17.63
CA HIS A 114 5.50 -36.70 18.03
C HIS A 114 4.15 -36.05 17.68
N GLY A 115 3.25 -36.06 18.67
CA GLY A 115 1.84 -35.74 18.42
C GLY A 115 1.47 -34.32 18.10
N SER A 116 2.40 -33.38 18.18
CA SER A 116 2.15 -32.03 17.78
C SER A 116 2.90 -31.69 16.50
N VAL A 117 3.46 -32.66 15.83
CA VAL A 117 4.21 -32.37 14.60
C VAL A 117 3.49 -33.04 13.40
N PRO A 118 3.00 -32.29 12.46
CA PRO A 118 2.52 -32.89 11.17
C PRO A 118 3.62 -33.63 10.50
N LEU A 119 3.34 -34.84 10.00
CA LEU A 119 4.36 -35.65 9.37
C LEU A 119 5.08 -34.92 8.28
N GLY A 120 4.39 -34.10 7.47
CA GLY A 120 5.06 -33.45 6.39
C GLY A 120 6.04 -32.40 6.88
N LEU A 121 5.79 -31.85 8.03
CA LEU A 121 6.68 -30.83 8.61
C LEU A 121 7.92 -31.52 9.08
N ALA A 122 7.74 -32.67 9.81
CA ALA A 122 8.92 -33.44 10.26
C ALA A 122 9.74 -33.91 9.04
N GLN A 123 9.04 -34.43 8.04
CA GLN A 123 9.77 -34.93 6.85
C GLN A 123 10.47 -33.78 6.10
N THR A 124 9.90 -32.59 6.04
CA THR A 124 10.58 -31.50 5.33
C THR A 124 11.84 -31.09 6.09
N LEU A 125 11.75 -31.03 7.40
CA LEU A 125 13.00 -30.78 8.23
C LEU A 125 14.07 -31.81 7.93
N LEU A 126 13.69 -33.10 7.95
CA LEU A 126 14.69 -34.15 7.81
C LEU A 126 15.18 -34.15 6.34
N LEU A 127 14.33 -33.75 5.34
CA LEU A 127 14.80 -33.66 3.97
C LEU A 127 15.85 -32.55 3.87
N ALA A 128 15.58 -31.35 4.45
CA ALA A 128 16.60 -30.30 4.39
C ALA A 128 17.90 -30.76 5.01
N GLN A 129 17.77 -31.45 6.11
CA GLN A 129 18.95 -31.98 6.82
C GLN A 129 19.73 -33.02 5.96
N ALA A 130 19.03 -33.97 5.36
CA ALA A 130 19.65 -35.05 4.64
C ALA A 130 20.18 -34.58 3.34
N LEU A 131 19.60 -33.54 2.70
CA LEU A 131 20.18 -32.98 1.46
C LEU A 131 21.53 -32.38 1.76
N GLY A 132 21.63 -31.58 2.82
CA GLY A 132 22.92 -31.05 3.26
C GLY A 132 23.85 -32.20 3.58
N ASP A 133 23.41 -33.22 4.32
CA ASP A 133 24.31 -34.36 4.66
C ASP A 133 24.91 -34.98 3.41
N ALA A 134 24.07 -35.23 2.40
CA ALA A 134 24.53 -35.88 1.19
C ALA A 134 25.23 -34.97 0.20
N GLY A 135 25.25 -33.64 0.39
CA GLY A 135 25.87 -32.80 -0.60
C GLY A 135 25.07 -32.60 -1.89
N LEU A 136 23.75 -32.79 -1.78
CA LEU A 136 22.89 -32.42 -2.94
C LEU A 136 22.59 -30.95 -2.84
N THR A 137 23.07 -30.20 -3.69
CA THR A 137 23.06 -28.78 -3.58
C THR A 137 21.92 -28.12 -4.35
N ALA A 138 21.21 -28.74 -5.14
CA ALA A 138 20.22 -28.10 -6.05
C ALA A 138 19.21 -27.38 -5.09
N PRO A 139 18.68 -26.24 -5.48
CA PRO A 139 17.77 -25.50 -4.61
C PRO A 139 16.52 -26.28 -4.31
N LEU A 140 16.16 -26.25 -3.04
CA LEU A 140 14.93 -26.92 -2.58
C LEU A 140 13.76 -25.96 -2.64
N TRP A 141 12.71 -26.49 -3.27
CA TRP A 141 11.42 -25.81 -3.33
C TRP A 141 10.37 -26.62 -2.58
N CYS A 142 9.66 -25.99 -1.64
CA CYS A 142 8.64 -26.68 -0.83
C CYS A 142 7.28 -26.19 -1.33
N LEU A 143 6.47 -27.12 -1.88
CA LEU A 143 5.16 -26.77 -2.44
C LEU A 143 4.08 -27.02 -1.41
N THR A 144 3.09 -26.14 -1.37
CA THR A 144 1.92 -26.30 -0.50
C THR A 144 0.66 -26.12 -1.35
N ARG A 145 -0.44 -26.50 -0.74
CA ARG A 145 -1.77 -26.33 -1.36
C ARG A 145 -2.71 -25.77 -0.28
N GLY A 146 -2.98 -24.48 -0.35
CA GLY A 146 -3.89 -23.90 0.66
C GLY A 146 -3.12 -23.52 1.93
N GLY A 147 -1.84 -23.26 1.88
CA GLY A 147 -1.07 -22.95 3.10
C GLY A 147 -0.92 -21.48 3.28
N VAL A 148 -1.38 -20.63 2.36
CA VAL A 148 -1.37 -19.14 2.44
C VAL A 148 -2.72 -18.61 1.94
N ALA A 149 -3.05 -17.40 2.41
CA ALA A 149 -4.22 -16.63 1.89
C ALA A 149 -3.63 -15.51 1.03
N ALA A 150 -3.70 -15.76 -0.31
CA ALA A 150 -3.10 -14.82 -1.28
C ALA A 150 -4.08 -14.49 -2.41
N GLY A 151 -4.37 -13.22 -2.49
CA GLY A 151 -5.31 -12.80 -3.55
C GLY A 151 -6.71 -12.65 -2.95
N ARG A 152 -7.51 -11.83 -3.62
CA ARG A 152 -8.76 -11.46 -3.04
C ARG A 152 -9.70 -12.65 -2.97
N GLY A 153 -10.34 -12.80 -1.80
CA GLY A 153 -11.27 -13.92 -1.63
C GLY A 153 -10.58 -15.26 -1.41
N ASP A 154 -9.25 -15.25 -1.36
CA ASP A 154 -8.58 -16.56 -1.29
C ASP A 154 -8.87 -17.25 0.04
N VAL A 155 -8.95 -18.56 0.04
CA VAL A 155 -9.23 -19.31 1.22
C VAL A 155 -7.99 -20.10 1.57
N LEU A 156 -7.48 -19.81 2.82
CA LEU A 156 -6.39 -20.70 3.38
C LEU A 156 -7.05 -21.94 3.94
N SER A 157 -7.02 -23.06 3.19
CA SER A 157 -7.66 -24.27 3.56
C SER A 157 -6.87 -25.22 4.44
N SER A 158 -5.51 -25.07 4.48
CA SER A 158 -4.71 -25.97 5.29
C SER A 158 -3.71 -25.21 6.20
N PRO A 159 -4.14 -24.86 7.42
CA PRO A 159 -3.21 -24.26 8.37
C PRO A 159 -2.04 -25.12 8.70
N VAL A 160 -2.17 -26.46 8.66
CA VAL A 160 -1.07 -27.32 8.86
C VAL A 160 0.06 -27.11 7.85
N GLN A 161 -0.30 -26.95 6.56
CA GLN A 161 0.69 -26.74 5.52
C GLN A 161 1.26 -25.31 5.70
N GLY A 162 0.49 -24.37 6.31
CA GLY A 162 0.86 -23.00 6.55
C GLY A 162 2.01 -23.01 7.50
N ALA A 163 2.16 -24.00 8.40
CA ALA A 163 3.28 -24.04 9.26
C ALA A 163 4.60 -24.24 8.58
N LEU A 164 4.61 -24.90 7.43
CA LEU A 164 5.75 -25.22 6.69
C LEU A 164 6.38 -24.00 6.09
N TRP A 165 5.65 -22.90 5.85
CA TRP A 165 6.21 -21.64 5.47
C TRP A 165 7.07 -20.99 6.52
N GLY A 166 6.69 -21.17 7.78
CA GLY A 166 7.56 -20.58 8.84
C GLY A 166 8.91 -21.31 8.75
N LEU A 167 8.96 -22.66 8.74
CA LEU A 167 10.22 -23.37 8.61
C LEU A 167 10.97 -22.98 7.37
N GLY A 168 10.26 -22.88 6.24
CA GLY A 168 10.99 -22.65 4.95
C GLY A 168 11.71 -21.30 4.96
N ARG A 169 11.08 -20.26 5.48
CA ARG A 169 11.78 -18.96 5.50
C ARG A 169 13.06 -19.06 6.32
N VAL A 170 13.05 -19.86 7.41
CA VAL A 170 14.29 -20.02 8.23
C VAL A 170 15.31 -20.91 7.50
N ILE A 171 14.88 -21.92 6.71
CA ILE A 171 15.85 -22.62 5.81
C ILE A 171 16.49 -21.61 4.86
N GLY A 172 15.73 -20.63 4.41
CA GLY A 172 16.31 -19.72 3.39
C GLY A 172 17.34 -18.80 4.11
N LEU A 173 17.18 -18.51 5.41
CA LEU A 173 18.17 -17.73 6.15
C LEU A 173 19.41 -18.52 6.50
N GLU A 174 19.26 -19.80 6.82
CA GLU A 174 20.34 -20.67 7.32
C GLU A 174 21.12 -21.35 6.18
N HIS A 175 20.42 -21.68 5.10
CA HIS A 175 21.02 -22.38 3.93
C HIS A 175 20.64 -21.64 2.64
N PRO A 176 20.96 -20.35 2.57
CA PRO A 176 20.48 -19.56 1.42
C PRO A 176 20.94 -20.10 0.05
N ASP A 177 22.06 -20.75 0.02
CA ASP A 177 22.58 -21.15 -1.29
C ASP A 177 21.91 -22.37 -1.89
N ARG A 178 21.23 -23.18 -1.03
CA ARG A 178 20.60 -24.41 -1.47
C ARG A 178 19.09 -24.37 -1.13
N TRP A 179 18.51 -23.17 -0.94
CA TRP A 179 17.07 -22.90 -0.80
C TRP A 179 16.49 -22.29 -2.02
N GLY A 180 15.49 -22.93 -2.55
CA GLY A 180 14.71 -22.35 -3.66
C GLY A 180 13.62 -21.43 -3.10
N GLY A 181 12.67 -21.99 -2.44
CA GLY A 181 11.55 -21.14 -1.96
C GLY A 181 10.32 -21.99 -1.75
N LEU A 182 9.21 -21.25 -1.52
CA LEU A 182 7.92 -21.80 -1.24
C LEU A 182 6.99 -21.35 -2.33
N ILE A 183 6.17 -22.30 -2.79
CA ILE A 183 5.08 -22.01 -3.85
C ILE A 183 3.75 -22.69 -3.42
N ASP A 184 2.72 -21.86 -3.21
CA ASP A 184 1.43 -22.38 -2.94
C ASP A 184 0.69 -22.61 -4.27
N LEU A 185 0.11 -23.78 -4.41
CA LEU A 185 -0.68 -24.15 -5.60
C LEU A 185 -2.15 -23.89 -5.33
N PRO A 186 -2.90 -23.62 -6.45
CA PRO A 186 -4.39 -23.52 -6.33
C PRO A 186 -5.01 -24.91 -6.19
N GLU A 187 -6.35 -25.00 -5.91
CA GLU A 187 -6.81 -26.43 -5.68
C GLU A 187 -6.93 -27.19 -6.96
N THR A 188 -7.15 -26.42 -8.02
CA THR A 188 -7.04 -27.03 -9.34
C THR A 188 -5.83 -26.57 -10.14
N VAL A 189 -4.94 -27.55 -10.36
CA VAL A 189 -3.65 -27.19 -11.02
C VAL A 189 -3.89 -27.57 -12.50
N ASP A 190 -4.38 -26.59 -13.27
CA ASP A 190 -4.67 -26.71 -14.70
C ASP A 190 -3.41 -26.42 -15.43
N THR A 191 -3.46 -26.41 -16.73
CA THR A 191 -2.23 -26.25 -17.51
C THR A 191 -1.60 -24.83 -17.32
N ARG A 192 -2.40 -23.79 -17.13
CA ARG A 192 -1.91 -22.45 -16.86
C ARG A 192 -1.17 -22.44 -15.52
N ALA A 193 -1.70 -23.11 -14.50
CA ALA A 193 -0.99 -23.23 -13.23
C ALA A 193 0.29 -24.06 -13.34
N ALA A 194 0.24 -25.24 -14.00
CA ALA A 194 1.38 -26.04 -14.27
C ALA A 194 2.49 -25.30 -14.97
N ALA A 195 2.15 -24.43 -15.93
CA ALA A 195 3.21 -23.70 -16.70
C ALA A 195 3.78 -22.63 -15.76
N ARG A 196 2.95 -22.02 -14.92
CA ARG A 196 3.56 -21.06 -13.91
C ARG A 196 4.51 -21.81 -13.05
N LEU A 197 4.13 -22.99 -12.57
CA LEU A 197 5.00 -23.75 -11.76
C LEU A 197 6.35 -24.11 -12.36
N THR A 198 6.28 -24.79 -13.46
CA THR A 198 7.53 -25.20 -14.12
C THR A 198 8.37 -23.97 -14.59
N GLY A 199 7.71 -22.91 -15.00
CA GLY A 199 8.45 -21.72 -15.33
C GLY A 199 9.14 -21.08 -14.16
N LEU A 200 8.49 -21.05 -13.00
CA LEU A 200 9.21 -20.56 -11.75
C LEU A 200 10.39 -21.46 -11.42
N LEU A 201 10.28 -22.78 -11.60
CA LEU A 201 11.36 -23.66 -11.25
C LEU A 201 12.53 -23.44 -12.22
N ALA A 202 12.22 -23.09 -13.48
CA ALA A 202 13.30 -22.66 -14.38
C ALA A 202 14.00 -21.37 -13.90
N ASP A 203 13.22 -20.32 -13.65
CA ASP A 203 13.76 -19.08 -13.10
C ASP A 203 12.65 -18.36 -12.45
N ALA A 204 12.87 -17.97 -11.20
CA ALA A 204 11.80 -17.36 -10.40
C ALA A 204 11.96 -15.84 -10.25
N GLY A 205 12.89 -15.25 -10.99
CA GLY A 205 13.01 -13.77 -10.92
C GLY A 205 13.47 -13.29 -9.56
N GLY A 206 14.17 -14.10 -8.77
CA GLY A 206 14.56 -13.68 -7.38
C GLY A 206 13.41 -13.65 -6.36
N GLU A 207 12.26 -14.17 -6.72
CA GLU A 207 11.13 -14.38 -5.77
C GLU A 207 11.28 -15.78 -5.17
N ASP A 208 10.74 -15.93 -3.94
CA ASP A 208 10.88 -17.20 -3.24
C ASP A 208 9.73 -17.44 -2.28
N GLN A 209 8.65 -16.64 -2.31
CA GLN A 209 7.52 -16.90 -1.46
C GLN A 209 6.31 -16.55 -2.37
N LEU A 210 5.79 -17.56 -3.01
CA LEU A 210 4.97 -17.37 -4.27
C LEU A 210 3.65 -18.11 -4.12
N ALA A 211 2.57 -17.57 -4.66
CA ALA A 211 1.28 -18.24 -4.72
C ALA A 211 0.86 -18.23 -6.17
N ILE A 212 0.55 -19.41 -6.67
CA ILE A 212 -0.02 -19.54 -8.08
C ILE A 212 -1.54 -19.50 -7.95
N ARG A 213 -2.15 -18.53 -8.68
CA ARG A 213 -3.62 -18.43 -8.59
C ARG A 213 -4.15 -18.27 -9.98
N GLY A 214 -5.50 -18.28 -10.08
CA GLY A 214 -6.06 -18.28 -11.44
C GLY A 214 -5.74 -17.03 -12.20
N SER A 215 -5.62 -15.94 -11.45
CA SER A 215 -5.33 -14.64 -12.00
C SER A 215 -3.87 -14.39 -12.39
N GLY A 216 -2.92 -15.22 -11.88
CA GLY A 216 -1.53 -14.86 -12.07
C GLY A 216 -0.72 -15.43 -10.92
N VAL A 217 0.53 -15.09 -10.94
CA VAL A 217 1.46 -15.45 -9.86
C VAL A 217 1.58 -14.24 -8.93
N LEU A 218 1.41 -14.51 -7.63
CA LEU A 218 1.43 -13.49 -6.60
C LEU A 218 2.68 -13.80 -5.77
N ALA A 219 3.26 -12.77 -5.16
CA ALA A 219 4.38 -13.03 -4.21
C ALA A 219 4.17 -12.21 -2.93
N ARG A 220 4.80 -12.70 -1.87
CA ARG A 220 4.58 -12.21 -0.53
C ARG A 220 5.39 -10.95 -0.30
N ARG A 221 4.71 -10.01 0.39
CA ARG A 221 5.29 -8.71 0.70
C ARG A 221 4.95 -8.26 2.08
N LEU A 222 5.89 -7.52 2.71
CA LEU A 222 5.65 -6.91 4.07
C LEU A 222 5.42 -5.42 3.80
N ALA A 223 4.34 -4.89 4.40
CA ALA A 223 4.08 -3.43 4.16
C ALA A 223 3.71 -2.76 5.46
N HIS A 224 3.88 -1.44 5.56
CA HIS A 224 3.31 -0.79 6.70
C HIS A 224 1.76 -0.87 6.63
N ALA A 225 1.14 -1.06 7.81
CA ALA A 225 -0.33 -1.16 7.89
C ALA A 225 -0.91 0.28 7.74
N ALA A 226 -2.14 0.31 7.25
CA ALA A 226 -2.85 1.59 7.20
C ALA A 226 -3.07 2.15 8.63
N PRO A 227 -3.06 3.45 8.75
CA PRO A 227 -3.15 4.05 10.06
C PRO A 227 -4.54 3.76 10.70
N ALA A 228 -4.58 3.72 12.02
CA ALA A 228 -5.75 3.29 12.77
C ALA A 228 -6.92 4.17 12.45
N VAL A 229 -8.10 3.53 12.28
CA VAL A 229 -9.33 4.34 12.19
C VAL A 229 -10.09 4.12 13.43
N PRO A 230 -10.06 5.23 14.31
CA PRO A 230 -10.70 5.21 15.56
C PRO A 230 -12.22 4.74 15.30
N GLY A 231 -12.58 3.58 15.85
CA GLY A 231 -13.98 3.09 15.72
C GLY A 231 -14.46 2.17 14.57
N SER A 232 -13.58 1.89 13.62
CA SER A 232 -13.93 1.27 12.32
C SER A 232 -14.21 -0.22 12.37
N GLY A 233 -13.60 -0.87 13.36
CA GLY A 233 -13.82 -2.27 13.57
C GLY A 233 -15.01 -2.76 14.38
N LYS A 234 -15.78 -1.92 14.97
CA LYS A 234 -16.93 -2.37 15.74
C LYS A 234 -16.49 -3.44 16.71
N ARG A 235 -15.28 -3.29 17.27
CA ARG A 235 -14.87 -4.12 18.42
C ARG A 235 -15.97 -3.99 19.49
N PRO A 236 -16.59 -5.12 19.97
CA PRO A 236 -17.58 -4.94 21.06
C PRO A 236 -16.85 -4.61 22.35
N PRO A 237 -17.53 -4.00 23.33
CA PRO A 237 -16.95 -3.77 24.63
C PRO A 237 -16.45 -5.07 25.24
N VAL A 238 -15.30 -4.99 25.88
CA VAL A 238 -14.77 -6.15 26.60
C VAL A 238 -15.74 -6.45 27.72
N HIS A 239 -16.16 -7.71 27.88
CA HIS A 239 -17.19 -8.12 28.90
C HIS A 239 -17.09 -9.58 29.18
N GLY A 240 -17.89 -10.10 30.12
CA GLY A 240 -18.01 -11.56 30.40
C GLY A 240 -16.67 -12.16 30.80
N SER A 241 -16.48 -13.43 30.38
CA SER A 241 -15.19 -14.09 30.81
C SER A 241 -14.19 -14.02 29.60
N VAL A 242 -12.94 -13.69 29.89
CA VAL A 242 -11.90 -13.72 28.85
C VAL A 242 -10.80 -14.62 29.29
N LEU A 243 -10.46 -15.54 28.38
CA LEU A 243 -9.42 -16.53 28.66
C LEU A 243 -8.05 -16.05 28.10
N VAL A 244 -7.06 -15.89 28.97
CA VAL A 244 -5.68 -15.55 28.51
C VAL A 244 -4.86 -16.81 28.91
N THR A 245 -4.53 -17.62 27.86
CA THR A 245 -3.59 -18.68 28.04
C THR A 245 -2.20 -18.09 28.19
N GLY A 246 -1.32 -18.74 28.88
CA GLY A 246 -0.09 -18.02 29.22
C GLY A 246 -0.32 -16.74 30.04
N GLY A 247 -1.46 -16.65 30.73
CA GLY A 247 -1.92 -15.36 31.35
C GLY A 247 -1.11 -14.91 32.53
N THR A 248 -0.37 -15.85 33.15
CA THR A 248 0.57 -15.51 34.23
C THR A 248 1.96 -15.08 33.74
N GLY A 249 2.20 -15.23 32.44
CA GLY A 249 3.46 -14.84 31.87
C GLY A 249 3.55 -13.40 31.56
N GLY A 250 4.66 -13.02 30.95
CA GLY A 250 4.99 -11.55 30.88
C GLY A 250 3.98 -10.75 30.06
N ILE A 251 3.82 -11.07 28.80
CA ILE A 251 2.86 -10.33 27.93
C ILE A 251 1.44 -10.66 28.39
N GLY A 252 1.18 -11.92 28.72
CA GLY A 252 -0.19 -12.32 29.12
C GLY A 252 -0.62 -11.55 30.39
N GLY A 253 0.26 -11.34 31.33
CA GLY A 253 -0.16 -10.52 32.50
C GLY A 253 -0.54 -9.09 32.16
N ARG A 254 0.25 -8.52 31.26
CA ARG A 254 -0.01 -7.13 30.83
C ARG A 254 -1.30 -7.03 29.99
N VAL A 255 -1.53 -8.02 29.15
CA VAL A 255 -2.83 -8.14 28.44
C VAL A 255 -3.94 -8.22 29.45
N ALA A 256 -3.85 -9.07 30.48
CA ALA A 256 -4.93 -9.24 31.46
C ALA A 256 -5.19 -7.87 32.14
N ARG A 257 -4.14 -7.18 32.58
CA ARG A 257 -4.35 -5.83 33.21
C ARG A 257 -5.16 -4.91 32.28
N ARG A 258 -4.76 -4.82 31.03
CA ARG A 258 -5.48 -3.97 30.05
C ARG A 258 -6.93 -4.40 29.90
N LEU A 259 -7.18 -5.69 29.87
CA LEU A 259 -8.53 -6.18 29.73
C LEU A 259 -9.36 -5.80 30.98
N ALA A 260 -8.72 -5.86 32.17
CA ALA A 260 -9.38 -5.47 33.45
C ALA A 260 -9.76 -4.02 33.37
N GLU A 261 -8.85 -3.24 32.89
CA GLU A 261 -9.16 -1.77 32.80
C GLU A 261 -10.27 -1.49 31.85
N GLN A 262 -10.41 -2.29 30.80
CA GLN A 262 -11.44 -2.19 29.79
C GLN A 262 -12.82 -2.79 29.92
N GLY A 263 -13.09 -3.59 30.97
CA GLY A 263 -14.49 -4.03 31.19
C GLY A 263 -14.74 -5.53 31.43
N ALA A 264 -13.67 -6.33 31.29
CA ALA A 264 -13.83 -7.73 31.56
C ALA A 264 -14.40 -7.90 32.95
N ALA A 265 -15.38 -8.79 33.03
CA ALA A 265 -15.95 -9.13 34.32
C ALA A 265 -15.07 -10.14 34.97
N HIS A 266 -14.44 -11.02 34.16
CA HIS A 266 -13.76 -12.15 34.73
C HIS A 266 -12.61 -12.49 33.85
N LEU A 267 -11.43 -12.63 34.47
CA LEU A 267 -10.26 -13.03 33.70
C LEU A 267 -9.89 -14.43 34.11
N VAL A 268 -9.73 -15.31 33.10
CA VAL A 268 -9.30 -16.66 33.37
C VAL A 268 -7.89 -16.76 32.82
N LEU A 269 -6.95 -16.97 33.70
CA LEU A 269 -5.53 -17.00 33.35
C LEU A 269 -5.03 -18.37 33.45
N THR A 270 -4.41 -18.91 32.43
CA THR A 270 -3.82 -20.23 32.58
C THR A 270 -2.36 -20.34 32.26
N SER A 271 -1.72 -21.39 32.77
CA SER A 271 -0.32 -21.72 32.42
C SER A 271 -0.04 -23.03 33.11
N ARG A 272 1.03 -23.65 32.73
CA ARG A 272 1.27 -24.99 33.35
C ARG A 272 1.40 -24.83 34.87
N ARG A 273 2.02 -23.75 35.34
CA ARG A 273 2.21 -23.61 36.83
C ARG A 273 1.02 -23.01 37.51
N GLY A 274 0.14 -22.36 36.78
CA GLY A 274 -1.08 -21.70 37.38
C GLY A 274 -0.78 -20.74 38.50
N ALA A 275 -1.38 -20.98 39.67
CA ALA A 275 -1.17 -20.09 40.81
C ALA A 275 0.26 -20.17 41.39
N ASP A 276 1.06 -21.15 40.94
CA ASP A 276 2.48 -21.31 41.39
C ASP A 276 3.43 -20.61 40.44
N ALA A 277 2.85 -19.99 39.41
CA ALA A 277 3.69 -19.23 38.52
C ALA A 277 4.39 -18.06 39.18
N PRO A 278 5.60 -17.71 38.67
CA PRO A 278 6.28 -16.52 39.24
C PRO A 278 5.35 -15.31 39.13
N GLY A 279 5.14 -14.62 40.26
CA GLY A 279 4.46 -13.35 40.25
C GLY A 279 2.94 -13.43 40.30
N ALA A 280 2.42 -14.65 40.37
CA ALA A 280 0.97 -14.89 40.19
C ALA A 280 0.12 -14.21 41.28
N ALA A 281 0.58 -14.29 42.55
CA ALA A 281 -0.23 -13.73 43.66
C ALA A 281 -0.36 -12.23 43.48
N GLU A 282 0.73 -11.53 43.12
CA GLU A 282 0.71 -10.10 42.87
C GLU A 282 -0.15 -9.72 41.71
N LEU A 283 -0.03 -10.46 40.59
CA LEU A 283 -0.91 -10.25 39.44
C LEU A 283 -2.39 -10.40 39.85
N ARG A 284 -2.79 -11.48 40.53
CA ARG A 284 -4.14 -11.62 40.99
C ARG A 284 -4.52 -10.41 41.82
N ALA A 285 -3.65 -9.92 42.71
CA ALA A 285 -4.09 -8.82 43.58
C ALA A 285 -4.26 -7.54 42.76
N GLU A 286 -3.34 -7.26 41.85
CA GLU A 286 -3.44 -6.10 40.93
C GLU A 286 -4.79 -6.12 40.19
N LEU A 287 -5.20 -7.28 39.65
CA LEU A 287 -6.44 -7.43 38.89
C LEU A 287 -7.70 -7.31 39.74
N GLU A 288 -7.63 -7.82 40.95
CA GLU A 288 -8.81 -7.81 41.78
C GLU A 288 -9.01 -6.38 42.27
N GLN A 289 -7.95 -5.60 42.41
CA GLN A 289 -8.09 -4.16 42.84
C GLN A 289 -8.90 -3.39 41.81
N LEU A 290 -8.80 -3.80 40.57
CA LEU A 290 -9.56 -3.16 39.48
C LEU A 290 -11.05 -3.62 39.41
N GLY A 291 -11.49 -4.55 40.26
CA GLY A 291 -12.89 -4.95 40.36
C GLY A 291 -13.20 -6.27 39.64
N VAL A 292 -12.20 -6.85 38.94
CA VAL A 292 -12.38 -8.11 38.16
C VAL A 292 -12.34 -9.39 39.00
N ARG A 293 -13.23 -10.33 38.74
CA ARG A 293 -13.13 -11.74 39.23
C ARG A 293 -11.90 -12.36 38.54
N VAL A 294 -11.07 -13.12 39.25
CA VAL A 294 -9.87 -13.76 38.67
C VAL A 294 -9.84 -15.19 38.99
N THR A 295 -9.67 -15.96 37.91
CA THR A 295 -9.42 -17.37 38.04
C THR A 295 -8.03 -17.67 37.50
N ILE A 296 -7.22 -18.43 38.20
CA ILE A 296 -5.90 -18.78 37.75
C ILE A 296 -5.88 -20.27 37.79
N ALA A 297 -5.67 -20.90 36.66
CA ALA A 297 -5.65 -22.34 36.60
C ALA A 297 -4.39 -22.89 36.10
N ALA A 298 -4.02 -24.03 36.65
CA ALA A 298 -2.86 -24.72 36.24
C ALA A 298 -3.21 -25.75 35.18
N CYS A 299 -2.81 -25.56 33.91
CA CYS A 299 -3.02 -26.63 33.01
C CYS A 299 -2.35 -26.36 31.69
N ASP A 300 -1.97 -27.45 31.10
CA ASP A 300 -1.22 -27.41 29.83
C ASP A 300 -2.21 -27.05 28.76
N ALA A 301 -1.89 -26.03 27.94
CA ALA A 301 -2.77 -25.59 26.88
C ALA A 301 -2.96 -26.66 25.81
N ALA A 302 -2.12 -27.68 25.80
CA ALA A 302 -2.31 -28.78 24.83
C ALA A 302 -3.21 -29.91 25.37
N ASP A 303 -3.72 -29.72 26.59
CA ASP A 303 -4.55 -30.76 27.25
C ASP A 303 -6.00 -30.39 26.97
N ARG A 304 -6.58 -31.06 25.99
CA ARG A 304 -7.99 -30.78 25.58
C ARG A 304 -9.02 -31.01 26.70
N GLU A 305 -8.82 -32.07 27.48
CA GLU A 305 -9.78 -32.32 28.57
C GLU A 305 -9.77 -31.21 29.63
N ALA A 306 -8.59 -30.74 30.01
CA ALA A 306 -8.52 -29.62 30.94
C ALA A 306 -9.13 -28.34 30.41
N LEU A 307 -8.91 -28.07 29.13
CA LEU A 307 -9.57 -26.88 28.53
C LEU A 307 -11.10 -27.08 28.58
N ALA A 308 -11.60 -28.28 28.22
CA ALA A 308 -13.05 -28.46 28.29
C ALA A 308 -13.58 -28.24 29.72
N ALA A 309 -12.84 -28.76 30.71
CA ALA A 309 -13.34 -28.61 32.12
C ALA A 309 -13.37 -27.12 32.51
N LEU A 310 -12.31 -26.41 32.11
CA LEU A 310 -12.23 -24.99 32.39
C LEU A 310 -13.39 -24.25 31.77
N LEU A 311 -13.77 -24.58 30.51
CA LEU A 311 -14.91 -23.91 29.84
C LEU A 311 -16.22 -24.27 30.46
N ALA A 312 -16.36 -25.52 30.92
CA ALA A 312 -17.61 -25.98 31.53
C ALA A 312 -17.88 -25.29 32.84
N GLU A 313 -16.82 -24.90 33.57
CA GLU A 313 -16.91 -24.18 34.83
C GLU A 313 -17.35 -22.72 34.72
N LEU A 314 -17.34 -22.12 33.54
CA LEU A 314 -17.64 -20.64 33.53
C LEU A 314 -18.95 -20.10 34.19
N PRO A 315 -18.94 -18.92 34.89
CA PRO A 315 -20.27 -18.40 35.43
C PRO A 315 -21.38 -18.35 34.29
N GLU A 316 -22.63 -18.70 34.58
CA GLU A 316 -23.75 -18.51 33.63
C GLU A 316 -23.89 -17.03 33.24
N ASP A 317 -23.64 -16.17 34.21
CA ASP A 317 -23.65 -14.75 33.98
C ASP A 317 -22.34 -14.18 33.39
N ALA A 318 -21.35 -15.02 33.05
CA ALA A 318 -20.05 -14.53 32.49
C ALA A 318 -19.58 -15.54 31.47
N PRO A 319 -20.31 -15.67 30.39
CA PRO A 319 -19.89 -16.54 29.31
C PRO A 319 -18.54 -16.08 28.69
N LEU A 320 -17.85 -17.04 28.09
CA LEU A 320 -16.57 -16.76 27.39
C LEU A 320 -16.91 -15.82 26.24
N THR A 321 -16.20 -14.70 26.18
CA THR A 321 -16.42 -13.79 25.03
C THR A 321 -15.16 -13.65 24.16
N ALA A 322 -13.98 -14.06 24.71
CA ALA A 322 -12.75 -13.82 23.92
C ALA A 322 -11.68 -14.74 24.45
N VAL A 323 -10.74 -15.09 23.53
CA VAL A 323 -9.55 -15.88 23.88
C VAL A 323 -8.34 -15.06 23.41
N PHE A 324 -7.31 -14.94 24.27
CA PHE A 324 -5.98 -14.39 23.92
C PHE A 324 -5.01 -15.48 24.20
N HIS A 325 -4.41 -16.03 23.13
CA HIS A 325 -3.57 -17.23 23.28
C HIS A 325 -2.10 -16.82 23.36
N SER A 326 -1.61 -16.68 24.58
CA SER A 326 -0.25 -16.21 24.82
C SER A 326 0.64 -17.36 25.29
N ALA A 327 0.11 -18.55 25.49
CA ALA A 327 0.97 -19.67 25.96
C ALA A 327 2.08 -19.88 24.95
N GLY A 328 3.34 -20.17 25.32
CA GLY A 328 4.38 -20.45 24.33
C GLY A 328 5.73 -20.52 25.00
N VAL A 329 6.57 -21.29 24.32
CA VAL A 329 7.97 -21.32 24.66
C VAL A 329 8.78 -21.13 23.39
N ALA A 330 9.99 -20.58 23.60
CA ALA A 330 10.93 -20.42 22.44
C ALA A 330 12.23 -21.15 22.66
N HIS A 331 12.45 -21.64 23.89
CA HIS A 331 13.76 -22.25 24.24
C HIS A 331 13.86 -23.62 23.67
N ASP A 332 15.12 -24.11 23.61
CA ASP A 332 15.43 -25.47 23.16
C ASP A 332 15.01 -25.69 21.64
N ASP A 333 15.16 -24.59 20.90
CA ASP A 333 15.18 -24.63 19.43
C ASP A 333 16.60 -24.91 19.00
N ALA A 334 16.81 -25.01 17.69
CA ALA A 334 18.15 -25.29 17.17
C ALA A 334 18.21 -24.92 15.69
N PRO A 335 19.42 -24.72 15.13
CA PRO A 335 19.51 -24.56 13.68
C PRO A 335 18.83 -25.65 12.94
N VAL A 336 18.37 -25.36 11.72
CA VAL A 336 17.77 -26.40 10.88
C VAL A 336 18.64 -27.63 10.75
N ALA A 337 19.95 -27.49 10.65
CA ALA A 337 20.82 -28.65 10.46
C ALA A 337 20.81 -29.60 11.68
N ASP A 338 20.38 -29.11 12.86
CA ASP A 338 20.53 -29.87 14.12
C ASP A 338 19.22 -30.18 14.84
N LEU A 339 18.16 -29.42 14.53
CA LEU A 339 16.88 -29.59 15.23
C LEU A 339 16.38 -31.04 15.23
N THR A 340 16.00 -31.51 16.40
CA THR A 340 15.41 -32.86 16.44
C THR A 340 13.92 -32.82 16.45
N LEU A 341 13.29 -33.94 16.04
CA LEU A 341 11.82 -33.99 16.14
C LEU A 341 11.32 -33.84 17.56
N GLY A 342 12.01 -34.34 18.58
CA GLY A 342 11.51 -34.08 19.89
C GLY A 342 11.64 -32.62 20.28
N GLN A 343 12.66 -31.85 19.87
CA GLN A 343 12.66 -30.45 20.10
C GLN A 343 11.48 -29.76 19.35
N LEU A 344 11.28 -30.19 18.09
CA LEU A 344 10.21 -29.56 17.30
C LEU A 344 8.84 -29.81 17.98
N ASP A 345 8.65 -31.05 18.49
CA ASP A 345 7.35 -31.37 19.15
C ASP A 345 7.12 -30.44 20.31
N ALA A 346 8.15 -30.27 21.15
CA ALA A 346 7.97 -29.44 22.35
C ALA A 346 7.66 -27.97 22.00
N LEU A 347 8.18 -27.48 20.90
CA LEU A 347 7.90 -26.10 20.43
C LEU A 347 6.51 -26.01 19.83
N MET A 348 6.06 -27.08 19.14
CA MET A 348 4.73 -27.04 18.55
C MET A 348 3.58 -27.21 19.55
N ARG A 349 3.83 -27.84 20.72
CA ARG A 349 2.70 -28.25 21.58
C ARG A 349 1.76 -27.10 21.96
N ALA A 350 2.31 -26.01 22.50
CA ALA A 350 1.47 -24.89 22.90
C ALA A 350 1.00 -24.00 21.84
N LYS A 351 1.40 -24.33 20.60
CA LYS A 351 1.01 -23.53 19.45
C LYS A 351 0.01 -24.27 18.57
N LEU A 352 0.42 -25.30 17.84
CA LEU A 352 -0.49 -26.02 17.02
C LEU A 352 -1.49 -26.74 17.89
N THR A 353 -1.10 -27.62 18.80
CA THR A 353 -2.03 -28.47 19.50
C THR A 353 -2.98 -27.66 20.32
N ALA A 354 -2.46 -26.70 21.08
CA ALA A 354 -3.33 -25.92 21.97
C ALA A 354 -4.26 -25.01 21.11
N ALA A 355 -3.81 -24.37 20.01
CA ALA A 355 -4.69 -23.48 19.25
C ALA A 355 -5.74 -24.31 18.50
N ARG A 356 -5.42 -25.55 18.09
CA ARG A 356 -6.46 -26.41 17.48
C ARG A 356 -7.50 -26.71 18.55
N HIS A 357 -7.10 -27.09 19.79
CA HIS A 357 -8.13 -27.28 20.82
C HIS A 357 -8.97 -26.05 21.05
N LEU A 358 -8.32 -24.90 21.13
CA LEU A 358 -9.05 -23.67 21.44
C LEU A 358 -10.06 -23.38 20.31
N HIS A 359 -9.61 -23.60 19.09
CA HIS A 359 -10.50 -23.38 17.89
C HIS A 359 -11.69 -24.35 17.99
N GLU A 360 -11.42 -25.61 18.21
CA GLU A 360 -12.52 -26.61 18.11
C GLU A 360 -13.47 -26.43 19.28
N LEU A 361 -12.99 -26.12 20.51
CA LEU A 361 -13.93 -26.02 21.63
C LEU A 361 -14.63 -24.66 21.72
N THR A 362 -14.20 -23.67 20.95
CA THR A 362 -14.90 -22.37 20.99
C THR A 362 -15.61 -22.02 19.70
N ALA A 363 -15.47 -22.80 18.63
CA ALA A 363 -16.04 -22.45 17.32
C ALA A 363 -17.51 -22.02 17.52
N ASP A 364 -18.24 -22.83 18.27
CA ASP A 364 -19.72 -22.60 18.38
C ASP A 364 -20.13 -21.55 19.43
N LEU A 365 -19.19 -20.83 20.03
CA LEU A 365 -19.50 -19.93 21.09
C LEU A 365 -19.68 -18.51 20.63
N ASP A 366 -19.44 -18.26 19.34
CA ASP A 366 -19.69 -16.89 18.84
C ASP A 366 -18.85 -15.79 19.60
N LEU A 367 -17.59 -16.12 19.76
CA LEU A 367 -16.70 -15.21 20.49
C LEU A 367 -16.59 -13.84 19.72
N ASP A 368 -16.26 -12.83 20.54
CA ASP A 368 -15.98 -11.50 19.97
C ASP A 368 -14.54 -11.40 19.46
N ALA A 369 -13.61 -12.14 20.04
CA ALA A 369 -12.19 -12.11 19.63
C ALA A 369 -11.59 -13.50 19.89
N PHE A 370 -10.68 -13.90 18.97
CA PHE A 370 -9.90 -15.13 19.11
C PHE A 370 -8.52 -14.73 18.63
N VAL A 371 -7.65 -14.30 19.58
CA VAL A 371 -6.38 -13.64 19.32
C VAL A 371 -5.22 -14.57 19.63
N LEU A 372 -4.39 -14.76 18.60
CA LEU A 372 -3.26 -15.73 18.70
C LEU A 372 -1.95 -14.95 18.67
N PHE A 373 -1.03 -15.20 19.52
CA PHE A 373 0.21 -14.50 19.55
C PHE A 373 1.32 -15.19 18.85
N SER A 374 1.64 -14.78 17.65
CA SER A 374 2.65 -15.28 16.80
C SER A 374 3.96 -14.48 17.04
N SER A 375 4.93 -14.49 16.08
CA SER A 375 6.23 -13.89 16.26
C SER A 375 6.76 -13.45 14.92
N GLY A 376 7.66 -12.45 14.95
CA GLY A 376 8.40 -12.06 13.70
C GLY A 376 9.18 -13.23 13.21
N ALA A 377 9.59 -14.19 14.06
CA ALA A 377 10.20 -15.38 13.57
C ALA A 377 9.37 -16.09 12.49
N ALA A 378 8.06 -16.06 12.63
CA ALA A 378 7.14 -16.64 11.65
C ALA A 378 6.83 -15.71 10.52
N VAL A 379 6.95 -14.44 10.66
CA VAL A 379 6.47 -13.54 9.62
C VAL A 379 7.61 -13.28 8.62
N TRP A 380 8.81 -12.94 9.20
CA TRP A 380 9.97 -12.70 8.27
C TRP A 380 11.01 -13.80 8.36
N GLY A 381 11.14 -14.50 9.49
CA GLY A 381 12.14 -15.59 9.73
C GLY A 381 13.29 -15.11 10.55
N SER A 382 13.72 -15.95 11.43
CA SER A 382 14.85 -15.71 12.35
C SER A 382 15.77 -16.89 12.32
N GLY A 383 17.05 -16.64 11.99
CA GLY A 383 17.98 -17.78 12.07
C GLY A 383 18.09 -18.30 13.42
N GLY A 384 18.23 -19.63 13.45
CA GLY A 384 18.28 -20.35 14.72
C GLY A 384 16.98 -20.67 15.36
N GLN A 385 15.85 -20.29 14.73
CA GLN A 385 14.56 -20.47 15.37
C GLN A 385 13.59 -21.18 14.36
N PRO A 386 13.99 -22.25 13.65
CA PRO A 386 13.11 -22.92 12.73
C PRO A 386 11.87 -23.43 13.45
N GLY A 387 12.08 -24.13 14.61
CA GLY A 387 10.93 -24.80 15.19
C GLY A 387 9.90 -23.77 15.70
N TYR A 388 10.38 -22.71 16.32
CA TYR A 388 9.49 -21.65 16.81
C TYR A 388 8.84 -20.91 15.63
N ALA A 389 9.57 -20.77 14.51
CA ALA A 389 8.96 -20.11 13.32
C ALA A 389 7.80 -20.98 12.77
N ALA A 390 8.00 -22.31 12.67
CA ALA A 390 6.96 -23.16 12.16
C ALA A 390 5.78 -23.11 13.09
N ALA A 391 5.99 -23.21 14.40
CA ALA A 391 4.91 -23.27 15.40
C ALA A 391 4.07 -21.95 15.27
N ASN A 392 4.76 -20.82 15.22
CA ASN A 392 3.99 -19.53 15.10
C ASN A 392 3.31 -19.34 13.76
N ALA A 393 3.94 -19.84 12.67
CA ALA A 393 3.31 -19.71 11.39
C ALA A 393 1.99 -20.48 11.33
N TYR A 394 1.91 -21.58 12.07
CA TYR A 394 0.62 -22.27 12.14
C TYR A 394 -0.50 -21.33 12.66
N LEU A 395 -0.16 -20.54 13.73
CA LEU A 395 -1.12 -19.56 14.29
C LEU A 395 -1.60 -18.57 13.23
N ASP A 396 -0.66 -18.00 12.54
CA ASP A 396 -1.08 -17.00 11.53
C ASP A 396 -2.04 -17.67 10.51
N ALA A 397 -1.69 -18.88 10.09
CA ALA A 397 -2.50 -19.54 9.09
C ALA A 397 -3.84 -19.89 9.69
N LEU A 398 -3.84 -20.38 10.92
CA LEU A 398 -5.17 -20.72 11.49
C LEU A 398 -6.05 -19.47 11.56
N ALA A 399 -5.56 -18.27 11.87
CA ALA A 399 -6.42 -17.09 11.91
C ALA A 399 -7.04 -16.81 10.51
N GLU A 400 -6.30 -16.98 9.41
CA GLU A 400 -6.90 -16.84 8.09
C GLU A 400 -7.88 -17.94 7.79
N HIS A 401 -7.54 -19.17 8.16
CA HIS A 401 -8.52 -20.20 7.97
C HIS A 401 -9.82 -19.97 8.72
N ARG A 402 -9.78 -19.54 9.96
CA ARG A 402 -11.01 -19.27 10.70
C ARG A 402 -11.79 -18.23 10.08
N ARG A 403 -11.22 -17.16 9.59
CA ARG A 403 -11.98 -16.11 8.92
C ARG A 403 -12.78 -16.75 7.75
N SER A 404 -12.15 -17.66 7.03
CA SER A 404 -12.87 -18.32 5.88
C SER A 404 -14.10 -19.05 6.34
N LEU A 405 -14.17 -19.49 7.61
CA LEU A 405 -15.34 -20.22 8.16
C LEU A 405 -16.33 -19.26 8.69
N GLY A 406 -16.07 -17.95 8.63
CA GLY A 406 -17.00 -16.97 9.18
C GLY A 406 -16.80 -16.68 10.62
N LEU A 407 -15.68 -17.13 11.16
CA LEU A 407 -15.34 -16.93 12.58
C LEU A 407 -14.31 -15.82 12.76
N THR A 408 -14.41 -15.10 13.85
CA THR A 408 -13.39 -14.09 14.19
C THR A 408 -12.05 -14.79 14.51
N ALA A 409 -11.00 -14.13 14.07
CA ALA A 409 -9.71 -14.50 14.53
C ALA A 409 -8.72 -13.48 14.13
N SER A 410 -7.72 -13.33 14.93
CA SER A 410 -6.60 -12.39 14.63
C SER A 410 -5.34 -13.05 15.06
N SER A 411 -4.27 -12.84 14.33
CA SER A 411 -2.93 -13.28 14.71
C SER A 411 -2.03 -12.00 14.80
N VAL A 412 -1.37 -11.86 15.93
CA VAL A 412 -0.46 -10.73 16.21
C VAL A 412 0.94 -11.27 16.32
N ALA A 413 1.81 -11.00 15.34
CA ALA A 413 3.22 -11.49 15.36
C ALA A 413 4.08 -10.38 15.97
N TRP A 414 4.39 -10.54 17.21
CA TRP A 414 5.20 -9.54 17.94
C TRP A 414 6.61 -9.56 17.46
N GLY A 415 7.19 -8.33 17.51
CA GLY A 415 8.63 -8.23 17.45
C GLY A 415 9.35 -8.58 18.69
N THR A 416 9.92 -7.64 19.38
CA THR A 416 10.55 -7.83 20.73
C THR A 416 9.86 -7.00 21.75
N TRP A 417 9.47 -7.59 22.91
CA TRP A 417 8.97 -6.76 24.02
C TRP A 417 10.06 -6.42 24.94
N GLY A 418 10.05 -5.17 25.38
CA GLY A 418 10.82 -4.84 26.54
C GLY A 418 10.07 -5.13 27.83
N GLU A 419 10.83 -5.05 28.93
CA GLU A 419 10.29 -4.97 30.35
C GLU A 419 9.76 -6.27 30.92
N VAL A 420 8.92 -7.00 30.14
CA VAL A 420 8.34 -8.30 30.59
C VAL A 420 8.50 -9.31 29.48
N GLY A 421 8.49 -10.58 29.88
CA GLY A 421 8.38 -11.67 28.90
C GLY A 421 9.75 -12.23 28.50
N MET A 422 9.69 -12.99 27.41
CA MET A 422 10.77 -13.95 27.05
C MET A 422 12.07 -13.25 26.54
N ALA A 423 11.97 -11.98 26.12
CA ALA A 423 13.13 -11.32 25.54
C ALA A 423 13.84 -10.45 26.51
N THR A 424 13.52 -10.55 27.80
CA THR A 424 14.16 -9.73 28.81
C THR A 424 15.51 -10.29 29.18
N ASP A 425 15.74 -11.57 28.93
CA ASP A 425 17.09 -12.13 29.10
C ASP A 425 18.07 -11.29 28.28
N PRO A 426 19.13 -10.74 28.91
CA PRO A 426 20.09 -9.94 28.12
C PRO A 426 20.63 -10.72 26.90
N GLU A 427 20.74 -12.04 27.00
CA GLU A 427 21.18 -12.92 25.89
C GLU A 427 20.27 -12.81 24.67
N VAL A 428 19.01 -13.15 24.94
CA VAL A 428 17.92 -13.15 23.98
C VAL A 428 17.61 -11.71 23.47
N HIS A 429 17.65 -10.72 24.38
CA HIS A 429 17.44 -9.28 24.07
C HIS A 429 18.55 -8.75 23.14
N ASP A 430 19.79 -9.12 23.43
CA ASP A 430 20.94 -8.51 22.78
C ASP A 430 21.02 -8.86 21.29
N ARG A 431 20.70 -10.10 20.98
CA ARG A 431 20.81 -10.55 19.60
C ARG A 431 19.68 -9.97 18.72
N LEU A 432 18.48 -9.82 19.29
CA LEU A 432 17.30 -9.30 18.55
C LEU A 432 17.55 -7.83 18.24
N VAL A 433 17.84 -7.05 19.28
CA VAL A 433 18.08 -5.64 19.12
C VAL A 433 19.23 -5.35 18.11
N ARG A 434 20.21 -6.27 18.07
CA ARG A 434 21.41 -6.12 17.23
C ARG A 434 21.04 -6.42 15.76
N GLN A 435 19.99 -7.21 15.53
CA GLN A 435 19.41 -7.45 14.19
C GLN A 435 18.50 -6.27 13.79
N GLY A 436 18.18 -5.34 14.69
CA GLY A 436 17.33 -4.18 14.35
C GLY A 436 15.86 -4.39 14.81
N VAL A 437 15.60 -5.50 15.51
CA VAL A 437 14.24 -5.74 16.02
C VAL A 437 14.22 -5.23 17.48
N LEU A 438 13.81 -3.99 17.64
CA LEU A 438 14.13 -3.23 18.91
C LEU A 438 13.07 -3.52 19.91
N ALA A 439 13.39 -3.35 21.20
CA ALA A 439 12.44 -3.68 22.23
C ALA A 439 11.35 -2.66 22.33
N MET A 440 10.11 -3.11 22.28
CA MET A 440 8.98 -2.22 22.39
C MET A 440 8.51 -1.98 23.86
N GLU A 441 8.13 -0.75 24.16
CA GLU A 441 7.50 -0.49 25.44
C GLU A 441 6.15 -1.18 25.51
N PRO A 442 5.85 -1.85 26.63
CA PRO A 442 4.57 -2.56 26.73
C PRO A 442 3.38 -1.75 26.35
N GLU A 443 3.31 -0.52 26.85
CA GLU A 443 2.15 0.27 26.51
C GLU A 443 1.98 0.55 25.03
N HIS A 444 3.07 0.72 24.33
CA HIS A 444 3.02 1.00 22.91
C HIS A 444 2.58 -0.27 22.16
N ALA A 445 3.18 -1.43 22.55
CA ALA A 445 2.75 -2.74 21.93
C ALA A 445 1.30 -3.02 22.16
N LEU A 446 0.81 -2.80 23.38
CA LEU A 446 -0.60 -2.98 23.65
C LEU A 446 -1.55 -1.95 22.97
N GLY A 447 -1.07 -0.77 22.81
CA GLY A 447 -1.86 0.28 22.16
C GLY A 447 -1.98 -0.03 20.67
N ALA A 448 -0.91 -0.58 20.07
CA ALA A 448 -1.02 -1.05 18.71
C ALA A 448 -1.91 -2.28 18.60
N LEU A 449 -1.81 -3.26 19.55
CA LEU A 449 -2.76 -4.39 19.46
C LEU A 449 -4.22 -3.83 19.56
N ASP A 450 -4.45 -2.85 20.45
CA ASP A 450 -5.84 -2.35 20.47
C ASP A 450 -6.21 -1.70 19.13
N GLN A 451 -5.29 -1.03 18.43
CA GLN A 451 -5.65 -0.49 17.06
C GLN A 451 -6.06 -1.64 16.14
N MET A 452 -5.31 -2.73 16.19
CA MET A 452 -5.61 -3.89 15.32
C MET A 452 -6.96 -4.47 15.63
N LEU A 453 -7.22 -4.64 16.93
CA LEU A 453 -8.52 -5.21 17.33
C LEU A 453 -9.69 -4.23 17.02
N GLU A 454 -9.44 -2.91 17.12
CA GLU A 454 -10.50 -1.92 16.71
C GLU A 454 -10.76 -1.93 15.25
N ASN A 455 -9.73 -2.25 14.47
CA ASN A 455 -9.94 -2.38 13.08
C ASN A 455 -10.54 -3.73 12.67
N ASP A 456 -10.47 -4.72 13.61
CA ASP A 456 -10.77 -6.12 13.28
C ASP A 456 -9.92 -6.68 12.13
N ASP A 457 -8.63 -6.35 12.14
CA ASP A 457 -7.68 -6.91 11.15
C ASP A 457 -7.45 -8.41 11.51
N THR A 458 -7.24 -9.22 10.46
CA THR A 458 -6.98 -10.64 10.70
C THR A 458 -5.55 -10.92 11.08
N ALA A 459 -4.59 -10.18 10.60
CA ALA A 459 -3.14 -10.57 10.82
C ALA A 459 -2.33 -9.35 10.82
N ALA A 460 -1.34 -9.22 11.67
CA ALA A 460 -0.41 -8.09 11.67
C ALA A 460 0.82 -8.48 12.36
N ALA A 461 1.92 -7.88 12.04
CA ALA A 461 3.15 -7.87 12.92
C ALA A 461 3.22 -6.59 13.63
N ILE A 462 3.49 -6.66 14.92
CA ILE A 462 3.59 -5.44 15.78
C ILE A 462 4.99 -5.39 16.23
N THR A 463 5.83 -4.50 15.69
CA THR A 463 7.32 -4.50 15.92
C THR A 463 7.85 -3.11 15.71
N LEU A 464 8.79 -2.79 16.61
CA LEU A 464 9.68 -1.64 16.41
C LEU A 464 10.96 -2.03 15.66
N MET A 465 11.15 -1.54 14.44
CA MET A 465 12.26 -1.92 13.57
C MET A 465 13.21 -0.77 13.38
N ASP A 466 14.50 -1.09 13.37
CA ASP A 466 15.47 -0.14 12.78
C ASP A 466 15.83 -0.75 11.48
N TRP A 467 15.29 -0.24 10.39
CA TRP A 467 15.46 -0.85 9.10
C TRP A 467 16.86 -0.68 8.56
N GLU A 468 17.57 0.35 9.07
CA GLU A 468 18.95 0.56 8.59
C GLU A 468 19.82 -0.56 9.14
N MET A 469 19.51 -1.14 10.28
CA MET A 469 20.21 -2.31 10.80
C MET A 469 19.61 -3.58 10.26
N PHE A 470 18.28 -3.63 10.23
CA PHE A 470 17.64 -4.90 9.84
C PHE A 470 17.86 -5.33 8.38
N ALA A 471 17.57 -4.42 7.43
CA ALA A 471 17.64 -4.82 6.07
C ALA A 471 18.94 -5.35 5.58
N PRO A 472 20.06 -4.68 5.88
CA PRO A 472 21.34 -5.20 5.38
C PRO A 472 21.74 -6.49 6.04
N ALA A 473 21.43 -6.67 7.29
CA ALA A 473 21.75 -7.96 7.98
C ALA A 473 20.92 -9.06 7.31
N PHE A 474 19.62 -8.82 7.17
CA PHE A 474 18.69 -9.87 6.76
C PHE A 474 18.99 -10.32 5.33
N THR A 475 19.49 -9.41 4.50
CA THR A 475 19.78 -9.62 3.07
C THR A 475 21.27 -9.82 2.71
N ALA A 476 22.07 -10.07 3.71
CA ALA A 476 23.55 -10.18 3.42
C ALA A 476 23.90 -11.27 2.43
N ASN A 477 23.20 -12.42 2.48
CA ASN A 477 23.50 -13.57 1.62
C ASN A 477 22.58 -13.85 0.51
N ARG A 478 21.37 -13.27 0.62
CA ARG A 478 20.42 -13.46 -0.45
C ARG A 478 19.44 -12.29 -0.40
N PRO A 479 19.00 -11.80 -1.56
CA PRO A 479 18.00 -10.77 -1.47
C PRO A 479 16.65 -11.24 -0.94
N SER A 480 15.86 -10.29 -0.48
CA SER A 480 14.54 -10.54 0.11
C SER A 480 13.50 -9.71 -0.67
N ALA A 481 12.71 -10.31 -1.55
CA ALA A 481 11.65 -9.56 -2.25
C ALA A 481 10.60 -9.11 -1.22
N LEU A 482 10.47 -9.88 -0.15
CA LEU A 482 9.53 -9.56 0.94
C LEU A 482 9.65 -8.10 1.38
N LEU A 483 10.87 -7.56 1.46
CA LEU A 483 11.05 -6.23 2.09
C LEU A 483 11.00 -5.10 1.02
N SER A 484 10.78 -5.44 -0.24
CA SER A 484 10.77 -4.39 -1.31
C SER A 484 9.66 -3.44 -1.17
N THR A 485 8.62 -3.77 -0.39
CA THR A 485 7.49 -2.88 -0.17
C THR A 485 7.63 -2.07 1.11
N VAL A 486 8.76 -2.14 1.83
CA VAL A 486 9.01 -1.32 3.00
C VAL A 486 10.01 -0.28 2.53
N PRO A 487 9.55 1.02 2.41
CA PRO A 487 10.48 2.00 1.79
C PRO A 487 11.76 2.24 2.58
N GLU A 488 11.71 2.05 3.93
CA GLU A 488 12.92 2.24 4.76
C GLU A 488 13.93 1.11 4.49
N ALA A 489 13.40 -0.07 4.06
CA ALA A 489 14.32 -1.15 3.77
C ALA A 489 14.96 -0.95 2.43
N VAL A 490 14.16 -0.50 1.46
CA VAL A 490 14.68 -0.09 0.15
C VAL A 490 15.77 1.00 0.33
N SER A 491 15.49 2.00 1.12
CA SER A 491 16.50 3.09 1.38
C SER A 491 17.75 2.55 2.02
N ALA A 492 17.61 1.64 2.98
CA ALA A 492 18.83 1.10 3.64
C ALA A 492 19.73 0.31 2.70
N LEU A 493 19.15 -0.31 1.70
CA LEU A 493 19.90 -1.13 0.76
C LEU A 493 20.42 -0.33 -0.43
N SER A 494 20.10 0.98 -0.51
CA SER A 494 20.48 1.77 -1.76
C SER A 494 21.96 2.08 -1.95
N SER B 19 17.04 0.24 -7.67
CA SER B 19 16.91 1.00 -8.98
C SER B 19 16.74 2.51 -8.80
N HIS B 20 17.51 3.16 -9.64
CA HIS B 20 17.63 4.59 -9.72
C HIS B 20 16.27 5.13 -10.18
N MET B 21 15.63 4.39 -11.07
CA MET B 21 14.31 4.75 -11.66
C MET B 21 13.18 4.50 -10.70
N ASP B 22 13.18 3.38 -9.95
CA ASP B 22 12.17 3.19 -8.96
C ASP B 22 12.15 4.29 -7.94
N ALA B 23 13.32 4.82 -7.55
CA ALA B 23 13.42 5.76 -6.48
C ALA B 23 12.86 7.13 -6.91
N LEU B 24 12.59 7.33 -8.19
CA LEU B 24 11.97 8.62 -8.69
C LEU B 24 10.45 8.49 -8.62
N ARG B 25 9.83 7.28 -8.49
CA ARG B 25 8.34 7.19 -8.73
C ARG B 25 7.58 7.22 -7.37
N TYR B 26 6.59 8.05 -7.29
CA TYR B 26 5.68 8.23 -6.17
C TYR B 26 4.27 8.23 -6.69
N HIS B 27 3.32 7.89 -5.80
CA HIS B 27 1.97 8.12 -6.22
C HIS B 27 1.10 8.60 -5.09
N ILE B 28 -0.02 9.20 -5.48
CA ILE B 28 -1.02 9.60 -4.54
C ILE B 28 -1.91 8.43 -4.14
N GLU B 29 -2.10 8.27 -2.86
CA GLU B 29 -2.99 7.24 -2.25
C GLU B 29 -3.88 7.93 -1.27
N TRP B 30 -4.96 7.25 -0.86
CA TRP B 30 -5.94 7.79 0.02
C TRP B 30 -6.13 6.89 1.21
N ASN B 31 -5.95 7.42 2.39
CA ASN B 31 -6.02 6.53 3.57
C ASN B 31 -7.18 6.99 4.42
N ARG B 32 -7.87 6.00 5.04
CA ARG B 32 -8.98 6.37 5.97
C ARG B 32 -8.48 7.02 7.25
N VAL B 33 -9.11 8.10 7.67
CA VAL B 33 -8.72 8.78 8.83
C VAL B 33 -9.84 8.56 9.89
N ALA B 34 -9.53 8.91 11.14
CA ALA B 34 -10.56 8.87 12.16
C ALA B 34 -11.77 9.75 11.87
N GLU B 35 -12.91 9.26 12.32
CA GLU B 35 -14.17 10.01 12.28
C GLU B 35 -14.08 11.25 13.11
N PRO B 36 -14.62 12.38 12.64
CA PRO B 36 -14.60 13.58 13.37
C PRO B 36 -15.67 13.51 14.50
N GLY B 37 -15.66 14.57 15.34
CA GLY B 37 -16.66 14.74 16.35
C GLY B 37 -18.06 15.05 15.80
N THR B 38 -19.05 15.15 16.67
CA THR B 38 -20.50 15.11 16.33
C THR B 38 -21.13 16.46 16.47
N ALA B 39 -20.40 17.43 17.03
CA ALA B 39 -20.95 18.81 17.23
C ALA B 39 -20.63 19.67 16.03
N ARG B 40 -21.57 20.49 15.68
CA ARG B 40 -21.25 21.43 14.59
C ARG B 40 -20.30 22.47 15.10
N PRO B 41 -19.67 23.23 14.20
CA PRO B 41 -18.90 24.31 14.81
C PRO B 41 -19.72 25.28 15.69
N ALA B 42 -19.17 25.80 16.78
CA ALA B 42 -19.83 26.73 17.68
C ALA B 42 -20.04 28.09 17.02
N GLY B 43 -19.00 28.59 16.34
CA GLY B 43 -19.06 29.95 15.67
C GLY B 43 -19.90 29.84 14.42
N ARG B 44 -20.19 30.97 13.79
CA ARG B 44 -20.95 31.03 12.54
C ARG B 44 -20.09 30.67 11.31
N LEU B 45 -20.66 29.94 10.36
CA LEU B 45 -20.07 29.64 9.10
C LEU B 45 -20.54 30.67 8.12
N LEU B 46 -19.72 30.96 7.11
CA LEU B 46 -20.07 31.77 5.99
C LEU B 46 -20.03 30.83 4.79
N ALA B 47 -21.12 30.61 4.10
CA ALA B 47 -21.14 29.75 2.93
C ALA B 47 -21.05 30.69 1.73
N VAL B 48 -20.26 30.35 0.68
CA VAL B 48 -20.15 31.16 -0.54
C VAL B 48 -20.67 30.34 -1.73
N ILE B 49 -21.63 30.88 -2.40
CA ILE B 49 -22.34 30.17 -3.47
C ILE B 49 -22.18 30.93 -4.75
N SER B 50 -22.07 30.24 -5.87
CA SER B 50 -22.07 30.83 -7.22
C SER B 50 -23.59 30.81 -7.63
N PRO B 51 -24.18 32.00 -7.74
CA PRO B 51 -25.63 32.05 -7.75
C PRO B 51 -26.28 31.43 -9.01
N ASP B 52 -25.52 31.42 -10.12
CA ASP B 52 -26.00 30.74 -11.35
C ASP B 52 -25.76 29.21 -11.38
N HIS B 53 -25.08 28.70 -10.36
CA HIS B 53 -24.61 27.32 -10.31
C HIS B 53 -24.75 26.84 -8.91
N ALA B 54 -25.96 26.87 -8.37
CA ALA B 54 -26.25 26.55 -7.01
C ALA B 54 -27.34 25.48 -7.00
N GLY B 55 -27.54 24.82 -8.12
CA GLY B 55 -28.70 23.90 -8.34
C GLY B 55 -28.32 22.44 -8.19
N ALA B 56 -27.03 22.12 -8.12
CA ALA B 56 -26.65 20.69 -8.01
C ALA B 56 -27.12 20.07 -6.70
N PRO B 57 -27.47 18.78 -6.74
CA PRO B 57 -27.93 18.14 -5.52
C PRO B 57 -26.95 18.30 -4.37
N TRP B 58 -25.65 18.10 -4.62
CA TRP B 58 -24.74 18.22 -3.47
C TRP B 58 -24.62 19.60 -2.85
N VAL B 59 -24.91 20.62 -3.69
CA VAL B 59 -24.90 22.03 -3.19
C VAL B 59 -26.06 22.26 -2.25
N THR B 60 -27.24 21.70 -2.62
CA THR B 60 -28.35 21.71 -1.64
C THR B 60 -28.13 20.92 -0.38
N ALA B 61 -27.53 19.71 -0.53
CA ALA B 61 -27.30 18.94 0.63
C ALA B 61 -26.26 19.59 1.63
N VAL B 62 -25.20 20.20 1.04
CA VAL B 62 -24.29 20.93 1.88
C VAL B 62 -24.93 22.10 2.55
N LEU B 63 -25.66 22.93 1.79
CA LEU B 63 -26.28 24.08 2.46
C LEU B 63 -27.20 23.61 3.58
N ASP B 64 -27.98 22.52 3.31
CA ASP B 64 -28.88 22.02 4.39
C ASP B 64 -28.06 21.55 5.58
N ALA B 65 -26.86 20.93 5.32
CA ALA B 65 -26.04 20.40 6.46
C ALA B 65 -25.49 21.51 7.30
N LEU B 66 -25.20 22.64 6.63
CA LEU B 66 -24.62 23.77 7.38
C LEU B 66 -25.61 24.48 8.30
N GLY B 67 -26.90 24.32 7.96
CA GLY B 67 -28.02 24.83 8.80
C GLY B 67 -28.32 26.25 8.53
N PRO B 68 -29.47 26.66 9.05
CA PRO B 68 -30.01 27.94 8.58
C PRO B 68 -29.41 29.16 9.30
N ASP B 69 -28.57 28.94 10.30
CA ASP B 69 -27.83 30.04 10.92
C ASP B 69 -26.57 30.42 10.15
N THR B 70 -26.21 29.61 9.20
CA THR B 70 -25.04 29.91 8.33
C THR B 70 -25.36 31.15 7.48
N VAL B 71 -24.41 32.09 7.36
CA VAL B 71 -24.59 33.32 6.56
C VAL B 71 -24.24 32.96 5.14
N ARG B 72 -24.96 33.43 4.15
CA ARG B 72 -24.73 33.09 2.77
C ARG B 72 -24.30 34.29 2.00
N PHE B 73 -23.26 34.14 1.18
CA PHE B 73 -22.72 35.18 0.36
C PHE B 73 -22.81 34.61 -1.04
N GLU B 74 -23.51 35.34 -1.91
CA GLU B 74 -23.57 35.03 -3.37
C GLU B 74 -22.47 35.79 -4.07
N ALA B 75 -21.52 35.08 -4.68
CA ALA B 75 -20.35 35.69 -5.35
C ALA B 75 -20.75 35.86 -6.76
N LYS B 76 -21.12 37.07 -7.17
CA LYS B 76 -21.65 37.27 -8.53
C LYS B 76 -20.55 37.73 -9.43
N GLY B 77 -20.45 37.06 -10.55
CA GLY B 77 -19.52 37.51 -11.58
C GLY B 77 -18.06 37.24 -11.11
N THR B 78 -17.17 38.15 -11.50
CA THR B 78 -15.78 38.03 -11.10
C THR B 78 -15.25 39.40 -10.76
N ASP B 79 -15.59 39.91 -9.59
CA ASP B 79 -15.26 41.32 -9.28
C ASP B 79 -14.67 41.41 -7.90
N ARG B 80 -13.33 41.34 -7.90
CA ARG B 80 -12.52 41.26 -6.64
C ARG B 80 -12.90 42.43 -5.66
N ALA B 81 -12.92 43.64 -6.26
CA ALA B 81 -13.13 44.85 -5.46
C ALA B 81 -14.55 44.89 -4.87
N ALA B 82 -15.51 44.52 -5.71
CA ALA B 82 -16.87 44.47 -5.21
C ALA B 82 -17.05 43.44 -4.10
N TRP B 83 -16.48 42.25 -4.29
CA TRP B 83 -16.54 41.25 -3.24
C TRP B 83 -15.82 41.63 -2.01
N ALA B 84 -14.62 42.26 -2.12
CA ALA B 84 -13.89 42.76 -0.94
C ALA B 84 -14.82 43.68 -0.08
N ALA B 85 -15.54 44.57 -0.79
CA ALA B 85 -16.40 45.49 -0.08
C ALA B 85 -17.59 44.76 0.58
N GLN B 86 -18.15 43.75 -0.11
CA GLN B 86 -19.33 43.04 0.42
C GLN B 86 -18.96 42.15 1.59
N LEU B 87 -17.77 41.52 1.48
CA LEU B 87 -17.30 40.71 2.51
C LEU B 87 -16.92 41.50 3.81
N ALA B 88 -16.35 42.67 3.59
CA ALA B 88 -16.01 43.53 4.73
C ALA B 88 -17.25 43.95 5.49
N GLN B 89 -18.29 44.26 4.75
CA GLN B 89 -19.61 44.50 5.40
C GLN B 89 -20.13 43.32 6.21
N LEU B 90 -20.08 42.11 5.64
CA LEU B 90 -20.53 40.95 6.39
C LEU B 90 -19.73 40.75 7.64
N ARG B 91 -18.19 41.06 7.51
CA ARG B 91 -17.27 40.77 8.60
C ARG B 91 -17.42 41.77 9.76
N GLU B 92 -18.18 42.96 9.36
CA GLU B 92 -18.40 44.03 10.35
C GLU B 92 -19.71 43.72 11.06
N ASP B 93 -20.73 43.39 10.27
CA ASP B 93 -22.07 43.01 10.77
C ASP B 93 -22.03 41.77 11.66
N GLU B 94 -21.19 40.80 11.31
CA GLU B 94 -21.20 39.47 11.93
C GLU B 94 -20.15 39.19 12.99
N GLY B 95 -19.02 39.88 12.87
CA GLY B 95 -17.82 39.57 13.67
C GLY B 95 -17.21 38.33 13.02
N GLU B 96 -16.14 37.79 13.64
CA GLU B 96 -15.40 36.67 13.09
C GLU B 96 -16.35 35.49 12.74
N PHE B 97 -16.05 34.85 11.62
CA PHE B 97 -16.72 33.52 11.30
C PHE B 97 -15.79 32.43 11.78
N HIS B 98 -16.33 31.23 12.02
CA HIS B 98 -15.54 30.08 12.33
C HIS B 98 -14.80 29.55 11.10
N ALA B 99 -15.51 29.57 9.93
CA ALA B 99 -14.87 29.11 8.68
C ALA B 99 -15.67 29.67 7.57
N VAL B 100 -15.06 29.70 6.38
CA VAL B 100 -15.69 30.06 5.12
C VAL B 100 -15.81 28.77 4.33
N VAL B 101 -17.00 28.46 3.83
CA VAL B 101 -17.19 27.23 3.11
C VAL B 101 -17.65 27.58 1.71
N SER B 102 -16.71 27.34 0.77
CA SER B 102 -16.97 27.69 -0.59
C SER B 102 -17.62 26.54 -1.38
N LEU B 103 -18.71 26.85 -2.09
CA LEU B 103 -19.40 25.89 -3.00
C LEU B 103 -19.20 26.40 -4.44
N LEU B 104 -18.21 27.28 -4.65
CA LEU B 104 -17.99 27.83 -6.03
C LEU B 104 -17.58 26.81 -7.05
N ALA B 105 -17.00 25.69 -6.58
CA ALA B 105 -16.55 24.67 -7.56
C ALA B 105 -17.70 24.13 -8.41
N ALA B 106 -18.96 24.22 -7.97
CA ALA B 106 -20.07 23.74 -8.79
C ALA B 106 -20.19 24.53 -10.10
N ALA B 107 -19.63 25.71 -10.20
CA ALA B 107 -19.67 26.49 -11.43
C ALA B 107 -18.57 25.90 -12.35
N GLU B 108 -18.95 24.93 -13.18
CA GLU B 108 -17.98 24.29 -14.14
C GLU B 108 -17.98 25.01 -15.49
N ALA B 109 -19.02 25.79 -15.86
CA ALA B 109 -19.08 26.43 -17.15
C ALA B 109 -17.88 27.36 -17.27
N LEU B 110 -17.35 27.47 -18.47
CA LEU B 110 -16.21 28.35 -18.71
C LEU B 110 -16.59 29.79 -18.55
N HIS B 111 -15.64 30.59 -18.06
CA HIS B 111 -15.85 32.02 -17.89
C HIS B 111 -16.03 32.68 -19.31
N THR B 112 -17.04 33.53 -19.42
CA THR B 112 -17.33 34.16 -20.73
C THR B 112 -16.18 34.97 -21.29
N ASP B 113 -15.27 35.49 -20.46
CA ASP B 113 -14.18 36.32 -21.00
C ASP B 113 -12.87 35.62 -21.01
N HIS B 114 -12.78 34.42 -20.44
CA HIS B 114 -11.53 33.72 -20.33
C HIS B 114 -11.86 32.23 -20.58
N GLY B 115 -11.74 31.84 -21.85
CA GLY B 115 -12.33 30.61 -22.34
C GLY B 115 -11.70 29.33 -21.88
N SER B 116 -10.38 29.59 -21.28
CA SER B 116 -9.75 28.40 -20.75
C SER B 116 -9.93 28.36 -19.23
N VAL B 117 -10.77 29.08 -18.53
CA VAL B 117 -10.94 29.12 -17.08
C VAL B 117 -12.39 28.80 -16.70
N PRO B 118 -12.53 27.69 -15.98
CA PRO B 118 -13.86 27.42 -15.45
C PRO B 118 -14.30 28.49 -14.52
N LEU B 119 -15.54 28.92 -14.57
CA LEU B 119 -16.02 29.99 -13.74
C LEU B 119 -15.73 29.76 -12.27
N GLY B 120 -15.91 28.50 -11.72
CA GLY B 120 -15.73 28.35 -10.33
C GLY B 120 -14.26 28.44 -9.89
N LEU B 121 -13.34 28.18 -10.80
CA LEU B 121 -11.94 28.33 -10.52
C LEU B 121 -11.61 29.82 -10.49
N ALA B 122 -12.11 30.62 -11.46
CA ALA B 122 -11.87 32.08 -11.40
C ALA B 122 -12.48 32.62 -10.09
N GLN B 123 -13.71 32.19 -9.81
CA GLN B 123 -14.37 32.76 -8.64
C GLN B 123 -13.65 32.37 -7.31
N THR B 124 -13.12 31.18 -7.25
CA THR B 124 -12.38 30.73 -6.06
C THR B 124 -11.12 31.57 -5.93
N LEU B 125 -10.36 31.81 -7.04
CA LEU B 125 -9.22 32.74 -6.88
C LEU B 125 -9.64 34.06 -6.31
N LEU B 126 -10.72 34.65 -6.87
CA LEU B 126 -11.09 36.00 -6.51
C LEU B 126 -11.65 35.98 -5.11
N LEU B 127 -12.31 34.86 -4.64
CA LEU B 127 -12.72 34.81 -3.25
C LEU B 127 -11.52 34.77 -2.29
N ALA B 128 -10.51 33.99 -2.60
CA ALA B 128 -9.36 33.95 -1.71
C ALA B 128 -8.68 35.31 -1.66
N GLN B 129 -8.63 35.98 -2.79
CA GLN B 129 -8.03 37.35 -2.87
C GLN B 129 -8.90 38.33 -2.04
N ALA B 130 -10.23 38.31 -2.25
CA ALA B 130 -11.11 39.28 -1.59
C ALA B 130 -11.24 39.06 -0.11
N LEU B 131 -11.12 37.80 0.34
CA LEU B 131 -11.09 37.53 1.77
C LEU B 131 -9.90 38.14 2.43
N GLY B 132 -8.74 37.99 1.82
CA GLY B 132 -7.49 38.69 2.32
C GLY B 132 -7.71 40.20 2.29
N ASP B 133 -8.31 40.71 1.22
CA ASP B 133 -8.48 42.17 1.10
C ASP B 133 -9.37 42.71 2.24
N ALA B 134 -10.44 42.00 2.61
CA ALA B 134 -11.36 42.41 3.66
C ALA B 134 -10.92 42.08 5.04
N GLY B 135 -9.87 41.27 5.22
CA GLY B 135 -9.46 40.87 6.54
C GLY B 135 -10.39 39.87 7.17
N LEU B 136 -11.06 39.07 6.34
CA LEU B 136 -11.80 37.94 6.92
C LEU B 136 -10.88 36.80 7.05
N THR B 137 -10.56 36.40 8.25
CA THR B 137 -9.45 35.46 8.43
C THR B 137 -9.89 34.02 8.72
N ALA B 138 -11.19 33.77 8.76
CA ALA B 138 -11.66 32.38 9.17
C ALA B 138 -11.14 31.45 8.00
N PRO B 139 -10.76 30.25 8.39
CA PRO B 139 -10.16 29.33 7.36
C PRO B 139 -11.13 29.03 6.25
N LEU B 140 -10.59 29.10 5.03
CA LEU B 140 -11.36 28.81 3.84
C LEU B 140 -11.31 27.33 3.51
N TRP B 141 -12.49 26.71 3.33
CA TRP B 141 -12.60 25.34 2.88
C TRP B 141 -13.26 25.37 1.52
N CYS B 142 -12.67 24.68 0.56
CA CYS B 142 -13.17 24.61 -0.80
C CYS B 142 -13.72 23.20 -1.00
N LEU B 143 -15.03 23.13 -1.26
CA LEU B 143 -15.72 21.84 -1.48
C LEU B 143 -15.81 21.50 -2.94
N THR B 144 -15.67 20.23 -3.25
CA THR B 144 -15.85 19.73 -4.59
C THR B 144 -16.70 18.46 -4.56
N ARG B 145 -17.11 18.06 -5.75
CA ARG B 145 -17.99 16.83 -5.92
C ARG B 145 -17.43 16.12 -7.09
N GLY B 146 -16.70 15.05 -6.82
CA GLY B 146 -16.13 14.28 -7.98
C GLY B 146 -14.82 14.85 -8.55
N GLY B 147 -14.09 15.63 -7.77
CA GLY B 147 -12.89 16.20 -8.21
C GLY B 147 -11.63 15.40 -7.90
N VAL B 148 -11.76 14.30 -7.14
CA VAL B 148 -10.65 13.35 -6.83
C VAL B 148 -11.17 11.99 -7.02
N ALA B 149 -10.25 11.08 -7.29
CA ALA B 149 -10.52 9.61 -7.21
C ALA B 149 -9.89 9.11 -5.92
N ALA B 150 -10.80 8.86 -4.95
CA ALA B 150 -10.46 8.36 -3.60
C ALA B 150 -11.36 7.19 -3.17
N GLY B 151 -10.68 6.15 -2.84
CA GLY B 151 -11.37 4.93 -2.45
C GLY B 151 -11.48 3.95 -3.60
N ARG B 152 -11.59 2.66 -3.24
CA ARG B 152 -11.61 1.63 -4.32
C ARG B 152 -12.88 1.80 -5.18
N GLY B 153 -12.66 1.79 -6.50
CA GLY B 153 -13.78 1.93 -7.41
C GLY B 153 -14.27 3.36 -7.59
N ASP B 154 -13.63 4.35 -6.93
CA ASP B 154 -14.24 5.67 -6.97
C ASP B 154 -14.18 6.23 -8.38
N VAL B 155 -15.11 7.08 -8.77
CA VAL B 155 -15.09 7.65 -10.07
C VAL B 155 -14.90 9.15 -9.91
N LEU B 156 -13.86 9.64 -10.59
CA LEU B 156 -13.66 11.10 -10.70
C LEU B 156 -14.49 11.57 -11.87
N SER B 157 -15.63 12.18 -11.54
CA SER B 157 -16.63 12.58 -12.45
C SER B 157 -16.43 14.00 -13.01
N SER B 158 -15.61 14.84 -12.30
CA SER B 158 -15.44 16.24 -12.69
C SER B 158 -13.98 16.63 -12.66
N PRO B 159 -13.24 16.40 -13.79
CA PRO B 159 -11.91 16.94 -13.92
C PRO B 159 -11.84 18.43 -13.80
N VAL B 160 -12.86 19.18 -14.18
CA VAL B 160 -12.84 20.57 -13.97
C VAL B 160 -12.74 20.98 -12.51
N GLN B 161 -13.53 20.32 -11.63
CA GLN B 161 -13.44 20.65 -10.24
C GLN B 161 -12.08 20.09 -9.68
N GLY B 162 -11.51 19.10 -10.30
CA GLY B 162 -10.23 18.62 -9.91
C GLY B 162 -9.11 19.60 -10.03
N ALA B 163 -9.25 20.49 -11.02
CA ALA B 163 -8.29 21.59 -11.18
C ALA B 163 -8.23 22.51 -9.96
N LEU B 164 -9.31 22.70 -9.25
CA LEU B 164 -9.39 23.45 -8.15
C LEU B 164 -8.52 22.98 -6.96
N TRP B 165 -8.29 21.67 -6.80
CA TRP B 165 -7.33 21.17 -5.91
C TRP B 165 -5.92 21.62 -6.15
N GLY B 166 -5.51 21.80 -7.40
CA GLY B 166 -4.19 22.32 -7.59
C GLY B 166 -4.07 23.72 -7.03
N LEU B 167 -5.03 24.62 -7.34
CA LEU B 167 -5.02 25.96 -6.79
C LEU B 167 -5.10 25.92 -5.31
N GLY B 168 -5.99 25.09 -4.69
CA GLY B 168 -6.13 25.10 -3.25
C GLY B 168 -4.84 24.77 -2.52
N ARG B 169 -4.11 23.75 -2.97
CA ARG B 169 -2.86 23.44 -2.26
C ARG B 169 -1.89 24.61 -2.24
N VAL B 170 -1.92 25.40 -3.36
CA VAL B 170 -1.00 26.57 -3.35
C VAL B 170 -1.56 27.66 -2.46
N ILE B 171 -2.87 27.87 -2.35
CA ILE B 171 -3.42 28.80 -1.32
C ILE B 171 -2.96 28.35 0.02
N GLY B 172 -2.84 27.02 0.30
CA GLY B 172 -2.43 26.62 1.66
C GLY B 172 -0.94 26.91 1.89
N LEU B 173 -0.12 26.95 0.83
CA LEU B 173 1.29 27.27 1.00
C LEU B 173 1.49 28.75 1.10
N GLU B 174 0.66 29.56 0.48
CA GLU B 174 0.81 31.03 0.45
C GLU B 174 0.06 31.77 1.57
N HIS B 175 -1.09 31.21 2.00
CA HIS B 175 -1.95 31.81 3.04
C HIS B 175 -2.25 30.70 4.08
N PRO B 176 -1.22 30.12 4.65
CA PRO B 176 -1.45 28.95 5.54
C PRO B 176 -2.33 29.29 6.71
N ASP B 177 -2.33 30.54 7.18
CA ASP B 177 -3.10 30.83 8.39
C ASP B 177 -4.55 31.01 8.21
N ARG B 178 -4.98 31.23 6.93
CA ARG B 178 -6.38 31.44 6.65
C ARG B 178 -6.91 30.40 5.63
N TRP B 179 -6.19 29.29 5.50
CA TRP B 179 -6.63 28.22 4.59
C TRP B 179 -7.08 27.07 5.39
N GLY B 180 -8.29 26.60 5.11
CA GLY B 180 -8.79 25.39 5.78
C GLY B 180 -8.35 24.14 5.04
N GLY B 181 -8.89 23.96 3.84
CA GLY B 181 -8.47 22.80 3.04
C GLY B 181 -9.51 22.51 1.98
N LEU B 182 -9.43 21.29 1.49
CA LEU B 182 -10.28 20.77 0.44
C LEU B 182 -10.98 19.58 0.85
N ILE B 183 -12.25 19.49 0.54
CA ILE B 183 -13.11 18.29 0.86
C ILE B 183 -13.95 17.93 -0.37
N ASP B 184 -13.79 16.71 -0.84
CA ASP B 184 -14.65 16.18 -1.90
C ASP B 184 -15.83 15.41 -1.28
N LEU B 185 -16.99 15.73 -1.74
CA LEU B 185 -18.25 15.12 -1.33
C LEU B 185 -18.59 13.97 -2.25
N PRO B 186 -19.35 12.99 -1.70
CA PRO B 186 -19.91 11.93 -2.54
C PRO B 186 -21.10 12.45 -3.32
N GLU B 187 -21.57 11.59 -4.29
CA GLU B 187 -22.63 12.06 -5.12
C GLU B 187 -23.97 12.27 -4.36
N THR B 188 -24.11 11.35 -3.38
CA THR B 188 -25.24 11.55 -2.44
C THR B 188 -24.76 11.83 -1.02
N VAL B 189 -25.08 13.04 -0.62
CA VAL B 189 -24.62 13.52 0.71
C VAL B 189 -25.79 13.21 1.67
N ASP B 190 -25.74 12.02 2.27
CA ASP B 190 -26.68 11.52 3.29
C ASP B 190 -26.30 12.01 4.62
N THR B 191 -27.03 11.60 5.65
CA THR B 191 -26.76 12.24 6.94
C THR B 191 -25.30 11.82 7.47
N ARG B 192 -24.83 10.60 7.16
CA ARG B 192 -23.50 10.18 7.62
C ARG B 192 -22.49 11.06 6.93
N ALA B 193 -22.64 11.33 5.62
CA ALA B 193 -21.72 12.24 4.92
C ALA B 193 -21.84 13.65 5.46
N ALA B 194 -23.05 14.17 5.69
CA ALA B 194 -23.20 15.49 6.28
C ALA B 194 -22.54 15.63 7.63
N ALA B 195 -22.67 14.59 8.48
CA ALA B 195 -22.08 14.66 9.86
C ALA B 195 -20.52 14.65 9.73
N ARG B 196 -20.00 13.94 8.70
CA ARG B 196 -18.51 13.94 8.47
C ARG B 196 -18.15 15.33 8.07
N LEU B 197 -18.89 15.97 7.19
CA LEU B 197 -18.56 17.29 6.74
C LEU B 197 -18.59 18.29 7.92
N THR B 198 -19.67 18.35 8.65
CA THR B 198 -19.73 19.39 9.67
C THR B 198 -18.75 19.12 10.80
N GLY B 199 -18.50 17.82 11.11
CA GLY B 199 -17.47 17.48 12.07
C GLY B 199 -16.12 17.91 11.67
N LEU B 200 -15.76 17.74 10.38
CA LEU B 200 -14.42 18.24 9.92
C LEU B 200 -14.33 19.71 10.04
N LEU B 201 -15.41 20.42 9.72
CA LEU B 201 -15.35 21.90 9.79
C LEU B 201 -15.16 22.29 11.22
N ALA B 202 -15.71 21.54 12.18
CA ALA B 202 -15.45 21.86 13.58
C ALA B 202 -13.98 21.58 13.91
N ASP B 203 -13.42 20.42 13.57
CA ASP B 203 -11.98 20.08 13.79
C ASP B 203 -11.63 18.99 12.83
N ALA B 204 -10.55 19.22 12.07
CA ALA B 204 -10.18 18.29 11.01
C ALA B 204 -8.97 17.43 11.36
N GLY B 205 -8.53 17.55 12.64
CA GLY B 205 -7.42 16.65 13.05
C GLY B 205 -6.11 16.91 12.29
N GLY B 206 -5.90 18.15 11.79
CA GLY B 206 -4.64 18.43 11.07
C GLY B 206 -4.68 17.96 9.62
N GLU B 207 -5.79 17.44 9.16
CA GLU B 207 -6.02 17.03 7.71
C GLU B 207 -6.58 18.20 6.96
N ASP B 208 -6.22 18.25 5.65
CA ASP B 208 -6.68 19.34 4.80
C ASP B 208 -6.87 18.93 3.35
N GLN B 209 -6.85 17.64 3.04
CA GLN B 209 -7.13 17.26 1.64
C GLN B 209 -7.91 15.97 1.82
N LEU B 210 -9.24 16.06 1.85
CA LEU B 210 -10.17 15.01 2.40
C LEU B 210 -11.16 14.64 1.36
N ALA B 211 -11.54 13.38 1.37
CA ALA B 211 -12.64 12.88 0.50
C ALA B 211 -13.64 12.21 1.40
N ILE B 212 -14.90 12.65 1.43
CA ILE B 212 -15.97 11.95 2.21
C ILE B 212 -16.62 10.87 1.34
N ARG B 213 -16.58 9.62 1.81
CA ARG B 213 -17.14 8.54 0.97
C ARG B 213 -17.97 7.65 1.87
N GLY B 214 -18.70 6.76 1.21
CA GLY B 214 -19.61 5.91 2.01
C GLY B 214 -18.93 5.13 3.09
N SER B 215 -17.70 4.77 2.82
CA SER B 215 -16.95 3.91 3.73
C SER B 215 -16.20 4.67 4.80
N GLY B 216 -16.11 6.00 4.70
CA GLY B 216 -15.38 6.73 5.75
C GLY B 216 -14.82 8.02 5.17
N VAL B 217 -14.08 8.72 6.02
CA VAL B 217 -13.32 9.96 5.56
C VAL B 217 -11.97 9.53 5.16
N LEU B 218 -11.56 9.85 3.91
CA LEU B 218 -10.28 9.49 3.39
C LEU B 218 -9.43 10.73 3.28
N ALA B 219 -8.10 10.59 3.46
CA ALA B 219 -7.19 11.75 3.29
C ALA B 219 -6.09 11.41 2.33
N ARG B 220 -5.59 12.44 1.62
CA ARG B 220 -4.62 12.27 0.56
C ARG B 220 -3.22 12.12 1.08
N ARG B 221 -2.52 11.22 0.44
CA ARG B 221 -1.18 10.84 0.86
C ARG B 221 -0.28 10.70 -0.31
N LEU B 222 0.99 11.09 -0.09
CA LEU B 222 2.08 10.79 -1.08
C LEU B 222 2.92 9.62 -0.65
N ALA B 223 3.14 8.66 -1.56
CA ALA B 223 3.91 7.42 -1.09
C ALA B 223 4.85 7.05 -2.19
N HIS B 224 5.97 6.39 -1.85
CA HIS B 224 6.81 5.80 -2.91
C HIS B 224 5.97 4.74 -3.61
N ALA B 225 6.20 4.65 -4.89
CA ALA B 225 5.58 3.57 -5.64
C ALA B 225 6.31 2.30 -5.40
N ALA B 226 5.57 1.21 -5.66
CA ALA B 226 6.13 -0.12 -5.52
C ALA B 226 7.16 -0.24 -6.66
N PRO B 227 8.28 -0.92 -6.37
CA PRO B 227 9.38 -1.05 -7.36
C PRO B 227 8.86 -1.82 -8.55
N ALA B 228 9.36 -1.53 -9.71
CA ALA B 228 8.87 -2.11 -10.97
C ALA B 228 9.20 -3.64 -10.90
N VAL B 229 8.17 -4.37 -11.34
CA VAL B 229 8.20 -5.78 -11.77
C VAL B 229 8.75 -6.00 -13.18
N PRO B 230 9.95 -6.48 -13.28
CA PRO B 230 10.27 -6.61 -14.75
C PRO B 230 9.51 -7.78 -15.39
N GLY B 231 8.96 -7.56 -16.61
CA GLY B 231 7.89 -8.38 -17.28
C GLY B 231 6.37 -8.20 -17.22
N SER B 232 5.85 -7.30 -16.38
CA SER B 232 4.45 -7.31 -16.00
C SER B 232 3.56 -6.35 -16.76
N GLY B 233 4.20 -5.45 -17.51
CA GLY B 233 3.49 -4.30 -18.09
C GLY B 233 2.90 -4.76 -19.39
N LYS B 234 1.79 -4.30 -19.77
CA LYS B 234 1.49 -4.96 -20.95
C LYS B 234 1.52 -3.87 -21.90
N ARG B 235 2.56 -2.98 -21.79
CA ARG B 235 2.71 -1.92 -22.80
C ARG B 235 2.80 -2.55 -24.15
N PRO B 236 1.86 -2.26 -25.06
CA PRO B 236 1.98 -2.70 -26.45
C PRO B 236 3.20 -2.08 -27.14
N PRO B 237 3.72 -2.71 -28.23
CA PRO B 237 4.86 -2.07 -28.87
C PRO B 237 4.44 -0.73 -29.46
N VAL B 238 5.39 0.18 -29.40
CA VAL B 238 5.18 1.51 -29.97
C VAL B 238 5.17 1.29 -31.50
N HIS B 239 4.18 1.83 -32.17
CA HIS B 239 4.07 1.71 -33.63
C HIS B 239 3.23 2.81 -34.17
N GLY B 240 3.06 2.85 -35.48
CA GLY B 240 2.09 3.79 -36.12
C GLY B 240 2.54 5.24 -35.93
N SER B 241 1.53 6.08 -35.86
CA SER B 241 1.80 7.55 -35.63
C SER B 241 1.64 7.86 -34.13
N VAL B 242 2.60 8.60 -33.61
CA VAL B 242 2.51 9.08 -32.18
C VAL B 242 2.53 10.59 -32.22
N LEU B 243 1.57 11.26 -31.54
CA LEU B 243 1.53 12.73 -31.49
C LEU B 243 2.20 13.19 -30.19
N VAL B 244 3.20 14.05 -30.30
CA VAL B 244 3.86 14.66 -29.16
C VAL B 244 3.53 16.13 -29.33
N THR B 245 2.58 16.63 -28.48
CA THR B 245 2.34 18.07 -28.40
C THR B 245 3.49 18.69 -27.62
N GLY B 246 3.84 19.93 -27.92
CA GLY B 246 5.12 20.47 -27.41
C GLY B 246 6.35 19.60 -27.78
N GLY B 247 6.25 18.94 -28.93
CA GLY B 247 7.22 17.93 -29.37
C GLY B 247 8.56 18.51 -29.83
N THR B 248 8.61 19.80 -30.13
CA THR B 248 9.89 20.47 -30.42
C THR B 248 10.50 21.02 -29.18
N GLY B 249 9.81 20.95 -28.02
CA GLY B 249 10.38 21.48 -26.76
C GLY B 249 11.31 20.45 -26.11
N GLY B 250 11.81 20.83 -24.90
CA GLY B 250 12.91 20.03 -24.27
C GLY B 250 12.58 18.60 -23.96
N ILE B 251 11.57 18.38 -23.09
CA ILE B 251 11.19 17.01 -22.78
C ILE B 251 10.61 16.29 -24.07
N GLY B 252 9.82 17.04 -24.82
CA GLY B 252 9.08 16.46 -26.00
C GLY B 252 10.09 15.94 -26.99
N GLY B 253 11.19 16.60 -27.22
CA GLY B 253 12.15 16.12 -28.23
C GLY B 253 12.81 14.87 -27.76
N ARG B 254 13.06 14.78 -26.46
CA ARG B 254 13.71 13.58 -25.93
C ARG B 254 12.74 12.36 -25.93
N VAL B 255 11.47 12.63 -25.60
CA VAL B 255 10.39 11.64 -25.77
C VAL B 255 10.30 11.14 -27.18
N ALA B 256 10.25 12.12 -28.12
CA ALA B 256 10.16 11.76 -29.56
C ALA B 256 11.33 10.81 -29.95
N ARG B 257 12.59 11.13 -29.52
CA ARG B 257 13.75 10.25 -29.84
C ARG B 257 13.57 8.85 -29.24
N ARG B 258 13.06 8.75 -28.02
CA ARG B 258 12.85 7.45 -27.40
C ARG B 258 11.73 6.71 -28.18
N LEU B 259 10.68 7.43 -28.60
CA LEU B 259 9.63 6.75 -29.33
C LEU B 259 10.11 6.17 -30.68
N ALA B 260 11.01 6.94 -31.33
CA ALA B 260 11.65 6.49 -32.55
C ALA B 260 12.45 5.22 -32.28
N GLU B 261 13.20 5.23 -31.22
CA GLU B 261 14.02 4.03 -30.91
C GLU B 261 13.10 2.82 -30.67
N GLN B 262 11.92 3.04 -30.05
CA GLN B 262 11.02 1.97 -29.67
C GLN B 262 10.13 1.40 -30.74
N GLY B 263 10.05 2.08 -31.92
CA GLY B 263 9.32 1.51 -33.01
C GLY B 263 8.31 2.41 -33.71
N ALA B 264 8.10 3.63 -33.21
CA ALA B 264 7.13 4.46 -33.91
C ALA B 264 7.43 4.52 -35.40
N ALA B 265 6.38 4.51 -36.24
CA ALA B 265 6.62 4.73 -37.67
C ALA B 265 6.68 6.18 -38.04
N HIS B 266 5.97 7.00 -37.26
CA HIS B 266 5.78 8.39 -37.61
C HIS B 266 5.63 9.20 -36.34
N LEU B 267 6.43 10.26 -36.20
CA LEU B 267 6.26 11.17 -35.07
C LEU B 267 5.72 12.46 -35.57
N VAL B 268 4.65 12.86 -34.95
CA VAL B 268 4.00 14.12 -35.25
C VAL B 268 4.27 15.04 -34.12
N LEU B 269 5.01 16.08 -34.37
CA LEU B 269 5.45 16.98 -33.33
C LEU B 269 4.80 18.29 -33.48
N THR B 270 4.15 18.81 -32.47
CA THR B 270 3.53 20.14 -32.66
C THR B 270 4.05 21.13 -31.61
N SER B 271 3.84 22.40 -31.90
CA SER B 271 4.13 23.47 -30.96
C SER B 271 3.63 24.71 -31.70
N ARG B 272 3.53 25.83 -31.02
CA ARG B 272 3.07 27.08 -31.76
C ARG B 272 4.04 27.43 -32.84
N ARG B 273 5.33 27.25 -32.61
CA ARG B 273 6.29 27.71 -33.66
C ARG B 273 6.54 26.63 -34.68
N GLY B 274 6.24 25.38 -34.42
CA GLY B 274 6.41 24.30 -35.38
C GLY B 274 7.83 24.12 -35.88
N ALA B 275 7.97 24.21 -37.23
CA ALA B 275 9.32 24.03 -37.76
C ALA B 275 10.22 25.28 -37.51
N ASP B 276 9.66 26.35 -37.00
CA ASP B 276 10.46 27.52 -36.60
C ASP B 276 10.90 27.44 -35.17
N ALA B 277 10.62 26.33 -34.47
CA ALA B 277 11.00 26.27 -33.08
C ALA B 277 12.53 26.12 -32.96
N PRO B 278 13.11 26.62 -31.85
CA PRO B 278 14.55 26.41 -31.67
C PRO B 278 14.87 24.92 -31.73
N GLY B 279 15.91 24.61 -32.49
CA GLY B 279 16.38 23.25 -32.62
C GLY B 279 15.61 22.35 -33.55
N ALA B 280 14.51 22.83 -34.15
CA ALA B 280 13.67 21.89 -34.91
C ALA B 280 14.27 21.15 -36.06
N ALA B 281 15.15 21.83 -36.83
CA ALA B 281 15.73 21.18 -38.01
C ALA B 281 16.58 20.00 -37.59
N GLU B 282 17.39 20.20 -36.56
CA GLU B 282 18.25 19.16 -35.98
C GLU B 282 17.47 17.98 -35.38
N LEU B 283 16.43 18.29 -34.61
CA LEU B 283 15.54 17.22 -34.10
C LEU B 283 14.97 16.45 -35.25
N ARG B 284 14.47 17.09 -36.30
CA ARG B 284 13.93 16.40 -37.45
C ARG B 284 14.97 15.43 -38.08
N ALA B 285 16.21 15.92 -38.21
CA ALA B 285 17.24 15.12 -38.88
C ALA B 285 17.62 13.97 -37.97
N GLU B 286 17.79 14.18 -36.68
CA GLU B 286 18.00 13.08 -35.68
C GLU B 286 16.92 11.95 -35.79
N LEU B 287 15.64 12.34 -35.87
CA LEU B 287 14.55 11.34 -36.00
C LEU B 287 14.54 10.63 -37.35
N GLU B 288 14.86 11.38 -38.39
CA GLU B 288 14.83 10.77 -39.73
C GLU B 288 16.02 9.75 -39.83
N GLN B 289 17.15 10.03 -39.19
CA GLN B 289 18.31 9.09 -39.16
C GLN B 289 17.87 7.74 -38.55
N LEU B 290 16.91 7.79 -37.64
CA LEU B 290 16.39 6.59 -36.90
C LEU B 290 15.32 5.86 -37.74
N GLY B 291 15.02 6.40 -38.93
CA GLY B 291 14.12 5.71 -39.86
C GLY B 291 12.63 6.05 -39.76
N VAL B 292 12.29 7.15 -39.09
CA VAL B 292 10.93 7.55 -38.78
C VAL B 292 10.47 8.63 -39.76
N ARG B 293 9.23 8.56 -40.19
CA ARG B 293 8.61 9.71 -40.86
C ARG B 293 8.44 10.79 -39.80
N VAL B 294 8.65 12.06 -40.15
CA VAL B 294 8.60 13.19 -39.25
C VAL B 294 7.67 14.25 -39.82
N THR B 295 6.69 14.63 -39.01
CA THR B 295 5.84 15.77 -39.27
C THR B 295 6.01 16.79 -38.16
N ILE B 296 6.32 18.02 -38.51
CA ILE B 296 6.40 19.11 -37.52
C ILE B 296 5.39 20.15 -37.89
N ALA B 297 4.38 20.38 -37.07
CA ALA B 297 3.36 21.36 -37.39
C ALA B 297 3.30 22.47 -36.43
N ALA B 298 3.01 23.64 -36.96
CA ALA B 298 2.82 24.82 -36.12
C ALA B 298 1.36 24.95 -35.79
N CYS B 299 0.96 24.70 -34.53
CA CYS B 299 -0.41 25.10 -34.24
C CYS B 299 -0.54 25.09 -32.76
N ASP B 300 -1.48 25.86 -32.35
CA ASP B 300 -1.77 25.95 -30.90
C ASP B 300 -2.47 24.70 -30.47
N ALA B 301 -2.06 24.09 -29.33
CA ALA B 301 -2.70 22.90 -28.86
C ALA B 301 -4.14 23.18 -28.40
N ALA B 302 -4.52 24.44 -28.19
CA ALA B 302 -5.88 24.77 -27.80
C ALA B 302 -6.80 24.97 -29.04
N ASP B 303 -6.26 24.79 -30.25
CA ASP B 303 -7.02 25.01 -31.51
C ASP B 303 -7.56 23.67 -32.00
N ARG B 304 -8.82 23.41 -31.72
CA ARG B 304 -9.49 22.16 -31.98
C ARG B 304 -9.49 21.87 -33.47
N GLU B 305 -9.79 22.90 -34.29
CA GLU B 305 -9.75 22.71 -35.74
C GLU B 305 -8.41 22.23 -36.27
N ALA B 306 -7.33 22.87 -35.82
CA ALA B 306 -6.02 22.44 -36.32
C ALA B 306 -5.67 21.02 -35.85
N LEU B 307 -6.04 20.67 -34.62
CA LEU B 307 -5.81 19.26 -34.20
C LEU B 307 -6.57 18.31 -35.11
N ALA B 308 -7.87 18.62 -35.38
CA ALA B 308 -8.69 17.72 -36.20
C ALA B 308 -8.02 17.56 -37.58
N ALA B 309 -7.53 18.69 -38.12
CA ALA B 309 -6.88 18.63 -39.47
C ALA B 309 -5.62 17.73 -39.46
N LEU B 310 -4.80 17.87 -38.39
CA LEU B 310 -3.63 17.03 -38.26
C LEU B 310 -4.00 15.58 -38.14
N LEU B 311 -5.09 15.25 -37.40
CA LEU B 311 -5.49 13.87 -37.26
C LEU B 311 -6.04 13.27 -38.57
N ALA B 312 -6.67 14.13 -39.38
CA ALA B 312 -7.37 13.66 -40.60
C ALA B 312 -6.35 13.35 -41.66
N GLU B 313 -5.17 13.87 -41.56
CA GLU B 313 -4.18 13.59 -42.60
C GLU B 313 -3.14 12.60 -42.28
N LEU B 314 -3.28 11.88 -41.18
CA LEU B 314 -2.27 10.79 -40.87
C LEU B 314 -2.22 9.70 -41.97
N PRO B 315 -1.03 9.07 -42.23
CA PRO B 315 -0.99 8.02 -43.28
C PRO B 315 -1.95 6.84 -42.96
N GLU B 316 -2.56 6.26 -44.00
CA GLU B 316 -3.47 5.11 -43.80
C GLU B 316 -2.82 3.93 -43.09
N ASP B 317 -1.56 3.76 -43.42
CA ASP B 317 -0.76 2.69 -42.84
C ASP B 317 -0.08 3.04 -41.52
N ALA B 318 -0.37 4.25 -41.02
CA ALA B 318 0.20 4.70 -39.70
C ALA B 318 -0.86 5.44 -38.91
N PRO B 319 -1.87 4.76 -38.44
CA PRO B 319 -2.85 5.40 -37.63
C PRO B 319 -2.28 5.86 -36.26
N LEU B 320 -2.93 6.84 -35.69
CA LEU B 320 -2.58 7.32 -34.31
C LEU B 320 -2.68 6.18 -33.36
N THR B 321 -1.62 5.94 -32.66
CA THR B 321 -1.62 4.92 -31.57
C THR B 321 -1.40 5.52 -30.18
N ALA B 322 -0.89 6.73 -30.02
CA ALA B 322 -0.58 7.31 -28.69
C ALA B 322 -0.47 8.81 -28.82
N VAL B 323 -0.85 9.44 -27.73
CA VAL B 323 -0.58 10.85 -27.49
C VAL B 323 0.27 11.11 -26.32
N PHE B 324 1.27 12.00 -26.43
CA PHE B 324 2.10 12.48 -25.34
C PHE B 324 1.95 13.96 -25.31
N HIS B 325 1.23 14.44 -24.30
CA HIS B 325 0.90 15.88 -24.24
C HIS B 325 1.90 16.68 -23.40
N SER B 326 2.90 17.21 -24.09
CA SER B 326 3.95 17.91 -23.47
C SER B 326 3.84 19.42 -23.67
N ALA B 327 2.86 19.89 -24.41
CA ALA B 327 2.70 21.36 -24.63
C ALA B 327 2.52 22.00 -23.24
N GLY B 328 3.15 23.12 -22.98
CA GLY B 328 2.88 23.79 -21.72
C GLY B 328 3.78 25.01 -21.55
N VAL B 329 3.28 25.95 -20.75
CA VAL B 329 4.06 27.08 -20.29
C VAL B 329 3.91 27.20 -18.76
N ALA B 330 4.94 27.81 -18.13
CA ALA B 330 4.86 28.03 -16.64
C ALA B 330 5.13 29.46 -16.29
N HIS B 331 5.53 30.28 -17.27
CA HIS B 331 5.88 31.70 -16.99
C HIS B 331 4.62 32.52 -16.92
N ASP B 332 4.79 33.75 -16.36
CA ASP B 332 3.73 34.70 -16.18
C ASP B 332 2.62 34.13 -15.26
N ASP B 333 3.11 33.36 -14.26
CA ASP B 333 2.20 33.08 -13.13
C ASP B 333 2.42 34.14 -12.05
N ALA B 334 1.75 34.04 -10.91
CA ALA B 334 1.92 35.07 -9.84
C ALA B 334 1.38 34.49 -8.56
N PRO B 335 1.78 35.05 -7.42
CA PRO B 335 1.13 34.64 -6.17
C PRO B 335 -0.34 34.68 -6.24
N VAL B 336 -1.00 33.85 -5.43
CA VAL B 336 -2.47 33.89 -5.29
C VAL B 336 -3.04 35.27 -5.08
N ALA B 337 -2.37 36.10 -4.27
CA ALA B 337 -2.93 37.40 -4.01
C ALA B 337 -2.89 38.36 -5.16
N ASP B 338 -2.14 38.03 -6.24
CA ASP B 338 -1.93 38.96 -7.37
C ASP B 338 -2.35 38.38 -8.69
N LEU B 339 -2.46 37.10 -8.84
CA LEU B 339 -2.77 36.43 -10.14
C LEU B 339 -4.00 37.03 -10.80
N THR B 340 -3.90 37.37 -12.10
CA THR B 340 -5.08 37.93 -12.80
C THR B 340 -5.76 36.79 -13.56
N LEU B 341 -7.02 36.96 -13.89
CA LEU B 341 -7.77 35.99 -14.74
C LEU B 341 -7.11 35.86 -16.13
N GLY B 342 -6.54 36.94 -16.67
CA GLY B 342 -5.87 36.80 -17.93
C GLY B 342 -4.61 35.98 -17.80
N GLN B 343 -3.87 36.14 -16.68
CA GLN B 343 -2.74 35.29 -16.51
C GLN B 343 -3.15 33.81 -16.31
N LEU B 344 -4.22 33.57 -15.52
CA LEU B 344 -4.70 32.20 -15.30
C LEU B 344 -5.18 31.58 -16.67
N ASP B 345 -5.79 32.36 -17.53
CA ASP B 345 -6.32 31.80 -18.78
C ASP B 345 -5.13 31.36 -19.61
N ALA B 346 -4.10 32.18 -19.69
CA ALA B 346 -2.96 31.83 -20.54
C ALA B 346 -2.22 30.60 -20.01
N LEU B 347 -2.26 30.32 -18.69
CA LEU B 347 -1.62 29.11 -18.14
C LEU B 347 -2.51 27.88 -18.32
N MET B 348 -3.83 28.06 -18.37
CA MET B 348 -4.76 26.95 -18.56
C MET B 348 -4.87 26.51 -19.98
N ARG B 349 -4.62 27.43 -20.96
CA ARG B 349 -4.90 27.07 -22.36
C ARG B 349 -4.28 25.75 -22.89
N ALA B 350 -2.95 25.58 -22.72
CA ALA B 350 -2.32 24.34 -23.18
C ALA B 350 -2.57 23.13 -22.39
N LYS B 351 -3.26 23.30 -21.28
CA LYS B 351 -3.42 22.20 -20.36
C LYS B 351 -4.88 21.82 -20.38
N LEU B 352 -5.81 22.61 -19.81
CA LEU B 352 -7.21 22.25 -19.82
C LEU B 352 -7.74 22.19 -21.25
N THR B 353 -7.68 23.30 -22.01
CA THR B 353 -8.37 23.31 -23.27
C THR B 353 -7.77 22.34 -24.26
N ALA B 354 -6.46 22.26 -24.32
CA ALA B 354 -5.87 21.39 -25.27
C ALA B 354 -6.14 19.92 -24.85
N ALA B 355 -6.02 19.54 -23.55
CA ALA B 355 -6.22 18.14 -23.20
C ALA B 355 -7.67 17.71 -23.39
N ARG B 356 -8.61 18.66 -23.16
CA ARG B 356 -10.01 18.35 -23.46
C ARG B 356 -10.17 18.07 -24.97
N HIS B 357 -9.56 18.91 -25.86
CA HIS B 357 -9.59 18.60 -27.30
C HIS B 357 -8.99 17.25 -27.61
N LEU B 358 -7.83 16.96 -27.04
CA LEU B 358 -7.15 15.67 -27.32
C LEU B 358 -8.05 14.54 -26.88
N HIS B 359 -8.65 14.62 -25.69
CA HIS B 359 -9.53 13.57 -25.18
C HIS B 359 -10.74 13.43 -26.11
N GLU B 360 -11.39 14.51 -26.51
CA GLU B 360 -12.63 14.38 -27.35
C GLU B 360 -12.33 13.85 -28.73
N LEU B 361 -11.25 14.28 -29.33
CA LEU B 361 -10.93 13.83 -30.69
C LEU B 361 -10.26 12.50 -30.75
N THR B 362 -9.85 11.88 -29.67
CA THR B 362 -9.21 10.59 -29.78
C THR B 362 -9.96 9.57 -28.96
N ALA B 363 -11.06 9.90 -28.27
CA ALA B 363 -11.80 8.93 -27.40
C ALA B 363 -12.15 7.64 -28.21
N ASP B 364 -12.56 7.84 -29.45
CA ASP B 364 -13.01 6.67 -30.26
C ASP B 364 -11.93 5.97 -31.05
N LEU B 365 -10.68 6.32 -30.86
CA LEU B 365 -9.57 5.76 -31.62
C LEU B 365 -8.87 4.58 -30.98
N ASP B 366 -9.30 4.24 -29.79
CA ASP B 366 -8.69 3.04 -29.14
C ASP B 366 -7.11 3.09 -29.04
N LEU B 367 -6.68 4.20 -28.51
CA LEU B 367 -5.21 4.41 -28.37
C LEU B 367 -4.59 3.44 -27.39
N ASP B 368 -3.30 3.19 -27.60
CA ASP B 368 -2.55 2.40 -26.66
C ASP B 368 -2.08 3.24 -25.47
N ALA B 369 -1.90 4.54 -25.66
CA ALA B 369 -1.41 5.43 -24.57
C ALA B 369 -1.97 6.80 -24.79
N PHE B 370 -2.34 7.50 -23.68
CA PHE B 370 -2.78 8.90 -23.73
C PHE B 370 -2.08 9.48 -22.51
N VAL B 371 -0.89 10.09 -22.68
CA VAL B 371 0.05 10.48 -21.58
C VAL B 371 0.09 11.98 -21.46
N LEU B 372 -0.23 12.44 -20.26
CA LEU B 372 -0.32 13.90 -20.00
C LEU B 372 0.78 14.28 -19.03
N PHE B 373 1.48 15.36 -19.29
CA PHE B 373 2.63 15.78 -18.48
C PHE B 373 2.23 16.88 -17.50
N SER B 374 2.00 16.43 -16.26
CA SER B 374 1.68 17.31 -15.13
C SER B 374 3.00 17.73 -14.45
N SER B 375 2.91 18.18 -13.20
CA SER B 375 4.00 18.77 -12.50
C SER B 375 3.83 18.51 -11.02
N GLY B 376 4.92 18.51 -10.27
CA GLY B 376 4.86 18.50 -8.80
C GLY B 376 4.16 19.73 -8.29
N ALA B 377 4.13 20.86 -9.03
CA ALA B 377 3.27 21.98 -8.61
C ALA B 377 1.81 21.59 -8.41
N ALA B 378 1.29 20.66 -9.18
CA ALA B 378 -0.04 20.10 -8.99
C ALA B 378 -0.09 19.01 -8.00
N VAL B 379 0.91 18.23 -7.75
CA VAL B 379 0.73 17.06 -6.91
C VAL B 379 0.94 17.45 -5.47
N TRP B 380 1.99 18.27 -5.12
CA TRP B 380 2.21 18.69 -3.75
C TRP B 380 1.98 20.17 -3.57
N GLY B 381 2.15 20.98 -4.59
CA GLY B 381 2.00 22.44 -4.46
C GLY B 381 3.30 23.15 -4.44
N SER B 382 3.34 24.28 -5.15
CA SER B 382 4.55 25.16 -5.24
C SER B 382 4.11 26.58 -5.08
N GLY B 383 4.67 27.23 -4.00
CA GLY B 383 4.34 28.66 -3.83
C GLY B 383 4.76 29.44 -5.03
N GLY B 384 3.94 30.39 -5.38
CA GLY B 384 4.12 31.26 -6.49
C GLY B 384 3.63 30.70 -7.82
N GLN B 385 3.04 29.51 -7.83
CA GLN B 385 2.68 28.86 -9.12
C GLN B 385 1.21 28.40 -8.99
N PRO B 386 0.25 29.23 -8.51
CA PRO B 386 -1.13 28.73 -8.39
C PRO B 386 -1.63 28.39 -9.74
N GLY B 387 -1.39 29.27 -10.75
CA GLY B 387 -2.11 29.02 -12.02
C GLY B 387 -1.58 27.76 -12.73
N TYR B 388 -0.26 27.51 -12.70
CA TYR B 388 0.27 26.32 -13.26
C TYR B 388 -0.13 25.12 -12.45
N ALA B 389 -0.28 25.24 -11.11
CA ALA B 389 -0.77 24.14 -10.33
C ALA B 389 -2.19 23.73 -10.70
N ALA B 390 -3.10 24.76 -10.86
CA ALA B 390 -4.44 24.37 -11.27
C ALA B 390 -4.42 23.73 -12.61
N ALA B 391 -3.66 24.34 -13.58
CA ALA B 391 -3.71 23.82 -14.97
C ALA B 391 -3.25 22.32 -14.97
N ASN B 392 -2.17 22.04 -14.27
CA ASN B 392 -1.69 20.66 -14.22
C ASN B 392 -2.53 19.68 -13.43
N ALA B 393 -3.21 20.22 -12.35
CA ALA B 393 -4.10 19.34 -11.65
C ALA B 393 -5.28 18.88 -12.55
N TYR B 394 -5.69 19.72 -13.49
CA TYR B 394 -6.74 19.29 -14.42
C TYR B 394 -6.23 18.04 -15.18
N LEU B 395 -4.97 18.00 -15.60
CA LEU B 395 -4.45 16.82 -16.31
C LEU B 395 -4.54 15.56 -15.44
N ASP B 396 -4.08 15.64 -14.22
CA ASP B 396 -4.10 14.40 -13.39
C ASP B 396 -5.57 13.93 -13.20
N ALA B 397 -6.50 14.87 -13.06
CA ALA B 397 -7.86 14.52 -12.88
C ALA B 397 -8.40 13.97 -14.13
N LEU B 398 -8.17 14.59 -15.28
CA LEU B 398 -8.64 13.97 -16.55
C LEU B 398 -8.16 12.56 -16.74
N ALA B 399 -6.92 12.18 -16.38
CA ALA B 399 -6.46 10.80 -16.60
C ALA B 399 -7.34 9.86 -15.72
N GLU B 400 -7.70 10.19 -14.49
CA GLU B 400 -8.55 9.28 -13.71
C GLU B 400 -9.93 9.27 -14.29
N HIS B 401 -10.44 10.41 -14.78
CA HIS B 401 -11.77 10.43 -15.35
C HIS B 401 -11.79 9.52 -16.60
N ARG B 402 -10.79 9.61 -17.47
CA ARG B 402 -10.75 8.72 -18.62
C ARG B 402 -10.66 7.31 -18.27
N ARG B 403 -9.97 6.88 -17.23
CA ARG B 403 -9.94 5.47 -16.80
C ARG B 403 -11.39 5.06 -16.42
N SER B 404 -12.19 5.97 -15.88
CA SER B 404 -13.54 5.55 -15.46
C SER B 404 -14.44 5.29 -16.70
N LEU B 405 -14.11 5.91 -17.83
CA LEU B 405 -14.80 5.65 -19.13
C LEU B 405 -14.27 4.48 -19.82
N GLY B 406 -13.30 3.74 -19.29
CA GLY B 406 -12.73 2.57 -19.92
C GLY B 406 -11.62 2.90 -20.93
N LEU B 407 -11.11 4.14 -20.86
CA LEU B 407 -10.11 4.58 -21.80
C LEU B 407 -8.77 4.69 -21.15
N THR B 408 -7.71 4.48 -21.91
CA THR B 408 -6.38 4.50 -21.34
C THR B 408 -6.05 5.97 -21.02
N ALA B 409 -5.30 6.15 -19.98
CA ALA B 409 -4.75 7.47 -19.70
C ALA B 409 -3.73 7.42 -18.61
N SER B 410 -2.67 8.18 -18.68
CA SER B 410 -1.52 8.14 -17.67
C SER B 410 -1.18 9.60 -17.47
N SER B 411 -1.17 10.12 -16.27
CA SER B 411 -0.67 11.44 -15.90
C SER B 411 0.67 11.36 -15.18
N VAL B 412 1.77 11.95 -15.72
CA VAL B 412 3.08 11.92 -15.13
C VAL B 412 3.40 13.29 -14.66
N ALA B 413 3.49 13.50 -13.34
CA ALA B 413 3.84 14.75 -12.74
C ALA B 413 5.31 14.84 -12.47
N TRP B 414 6.01 15.50 -13.38
CA TRP B 414 7.43 15.58 -13.24
C TRP B 414 7.89 16.46 -12.08
N GLY B 415 9.04 16.13 -11.49
CA GLY B 415 9.77 17.06 -10.63
C GLY B 415 10.51 18.17 -11.35
N THR B 416 11.81 18.08 -11.43
CA THR B 416 12.62 19.03 -12.17
C THR B 416 13.45 18.23 -13.13
N TRP B 417 13.45 18.61 -14.41
CA TRP B 417 14.40 18.00 -15.34
C TRP B 417 15.70 18.80 -15.47
N GLY B 418 16.81 18.05 -15.44
CA GLY B 418 18.07 18.66 -15.92
C GLY B 418 18.15 18.62 -17.43
N GLU B 419 19.18 19.35 -17.87
CA GLU B 419 19.70 19.34 -19.29
C GLU B 419 18.84 20.02 -20.38
N VAL B 420 17.52 19.75 -20.41
CA VAL B 420 16.61 20.25 -21.45
C VAL B 420 15.38 20.74 -20.73
N GLY B 421 14.71 21.69 -21.37
CA GLY B 421 13.33 22.10 -21.00
C GLY B 421 13.31 23.29 -20.07
N MET B 422 12.20 23.46 -19.40
CA MET B 422 11.83 24.77 -18.83
C MET B 422 12.69 25.13 -17.56
N ALA B 423 13.24 24.13 -16.86
CA ALA B 423 14.01 24.40 -15.62
C ALA B 423 15.47 24.54 -15.88
N THR B 424 15.88 24.74 -17.13
CA THR B 424 17.30 24.94 -17.37
C THR B 424 17.72 26.35 -17.19
N ASP B 425 16.77 27.27 -17.05
CA ASP B 425 17.08 28.65 -16.64
C ASP B 425 17.71 28.59 -15.25
N PRO B 426 18.90 29.19 -15.06
CA PRO B 426 19.48 29.18 -13.70
C PRO B 426 18.54 29.74 -12.63
N GLU B 427 17.69 30.71 -13.00
CA GLU B 427 16.68 31.32 -12.09
C GLU B 427 15.68 30.29 -11.56
N VAL B 428 14.98 29.69 -12.53
CA VAL B 428 13.99 28.63 -12.35
C VAL B 428 14.59 27.34 -11.72
N HIS B 429 15.81 26.97 -12.15
CA HIS B 429 16.59 25.82 -11.64
C HIS B 429 16.97 25.98 -10.18
N ASP B 430 17.42 27.20 -9.83
CA ASP B 430 18.04 27.41 -8.52
C ASP B 430 17.03 27.32 -7.39
N ARG B 431 15.87 27.87 -7.64
CA ARG B 431 14.85 27.89 -6.61
C ARG B 431 14.28 26.47 -6.36
N LEU B 432 14.16 25.66 -7.42
CA LEU B 432 13.57 24.29 -7.32
C LEU B 432 14.52 23.39 -6.55
N VAL B 433 15.77 23.36 -7.00
CA VAL B 433 16.81 22.59 -6.35
C VAL B 433 17.00 22.98 -4.86
N ARG B 434 16.82 24.27 -4.55
CA ARG B 434 17.02 24.84 -3.21
C ARG B 434 15.89 24.41 -2.23
N GLN B 435 14.76 24.00 -2.81
CA GLN B 435 13.56 23.52 -2.17
C GLN B 435 13.65 21.96 -2.09
N GLY B 436 14.68 21.38 -2.68
CA GLY B 436 14.96 19.96 -2.56
C GLY B 436 14.31 19.17 -3.68
N VAL B 437 13.79 19.83 -4.73
CA VAL B 437 13.25 19.12 -5.93
C VAL B 437 14.37 19.12 -6.97
N LEU B 438 15.19 18.08 -6.91
CA LEU B 438 16.51 18.09 -7.63
C LEU B 438 16.39 17.76 -9.08
N ALA B 439 17.37 18.17 -9.89
CA ALA B 439 17.30 17.96 -11.29
C ALA B 439 17.54 16.53 -11.68
N MET B 440 16.59 15.93 -12.42
CA MET B 440 16.74 14.57 -12.90
C MET B 440 17.54 14.47 -14.18
N GLU B 441 18.31 13.41 -14.31
CA GLU B 441 18.88 13.16 -15.60
C GLU B 441 17.83 12.65 -16.58
N PRO B 442 17.83 13.16 -17.79
CA PRO B 442 16.79 12.76 -18.77
C PRO B 442 16.58 11.28 -18.89
N GLU B 443 17.68 10.52 -18.96
CA GLU B 443 17.59 9.07 -19.17
C GLU B 443 16.92 8.42 -17.99
N HIS B 444 17.13 8.95 -16.78
CA HIS B 444 16.49 8.34 -15.62
C HIS B 444 15.00 8.67 -15.57
N ALA B 445 14.68 9.96 -15.87
CA ALA B 445 13.25 10.39 -15.88
C ALA B 445 12.45 9.62 -16.95
N LEU B 446 13.06 9.44 -18.10
CA LEU B 446 12.37 8.66 -19.16
C LEU B 446 12.33 7.18 -18.92
N GLY B 447 13.31 6.65 -18.25
CA GLY B 447 13.26 5.24 -17.86
C GLY B 447 12.19 4.97 -16.78
N ALA B 448 12.03 5.89 -15.85
CA ALA B 448 10.93 5.77 -14.90
C ALA B 448 9.56 5.91 -15.57
N LEU B 449 9.43 6.83 -16.56
CA LEU B 449 8.17 6.88 -17.30
C LEU B 449 7.90 5.55 -18.03
N ASP B 450 8.95 4.96 -18.65
CA ASP B 450 8.68 3.65 -19.28
C ASP B 450 8.24 2.60 -18.26
N GLN B 451 8.78 2.59 -17.01
CA GLN B 451 8.29 1.70 -15.92
C GLN B 451 6.79 2.00 -15.66
N MET B 452 6.38 3.27 -15.58
CA MET B 452 4.98 3.58 -15.37
C MET B 452 4.14 3.04 -16.49
N LEU B 453 4.58 3.27 -17.69
CA LEU B 453 3.80 2.81 -18.87
C LEU B 453 3.74 1.24 -18.94
N GLU B 454 4.84 0.60 -18.54
CA GLU B 454 4.81 -0.88 -18.54
C GLU B 454 3.91 -1.40 -17.46
N ASN B 455 3.79 -0.67 -16.37
CA ASN B 455 2.85 -1.05 -15.35
C ASN B 455 1.37 -0.63 -15.68
N ASP B 456 1.24 0.25 -16.71
CA ASP B 456 -0.03 0.89 -17.03
C ASP B 456 -0.64 1.55 -15.81
N ASP B 457 0.19 2.28 -15.05
CA ASP B 457 -0.31 3.06 -13.92
C ASP B 457 -1.08 4.30 -14.46
N THR B 458 -2.14 4.78 -13.73
CA THR B 458 -2.91 5.91 -14.18
C THR B 458 -2.19 7.18 -13.80
N ALA B 459 -1.55 7.31 -12.67
CA ALA B 459 -0.96 8.55 -12.22
C ALA B 459 0.26 8.37 -11.41
N ALA B 460 1.30 9.16 -11.59
CA ALA B 460 2.51 9.10 -10.77
C ALA B 460 3.18 10.37 -10.76
N ALA B 461 4.00 10.66 -9.76
CA ALA B 461 5.01 11.71 -9.77
C ALA B 461 6.31 11.09 -10.03
N ILE B 462 7.07 11.67 -10.91
CA ILE B 462 8.47 11.21 -11.18
C ILE B 462 9.41 12.26 -10.83
N THR B 463 10.14 12.13 -9.73
CA THR B 463 10.86 13.32 -9.11
C THR B 463 12.01 12.77 -8.31
N LEU B 464 13.18 13.46 -8.45
CA LEU B 464 14.29 13.23 -7.50
C LEU B 464 14.22 14.21 -6.33
N MET B 465 13.99 13.72 -5.10
CA MET B 465 13.76 14.59 -3.94
C MET B 465 14.94 14.51 -3.02
N ASP B 466 15.32 15.67 -2.44
CA ASP B 466 16.09 15.64 -1.18
C ASP B 466 15.07 15.94 -0.05
N TRP B 467 14.59 14.94 0.65
CA TRP B 467 13.57 15.11 1.63
C TRP B 467 14.06 15.84 2.84
N GLU B 468 15.39 15.76 3.08
CA GLU B 468 15.89 16.57 4.25
C GLU B 468 15.77 18.06 3.95
N MET B 469 15.88 18.49 2.70
CA MET B 469 15.67 19.87 2.30
C MET B 469 14.19 20.18 2.10
N PHE B 470 13.46 19.26 1.46
CA PHE B 470 12.09 19.56 1.09
C PHE B 470 11.13 19.58 2.26
N ALA B 471 11.13 18.55 3.10
CA ALA B 471 10.14 18.51 4.19
C ALA B 471 10.13 19.69 5.11
N PRO B 472 11.28 20.15 5.61
CA PRO B 472 11.26 21.31 6.51
C PRO B 472 10.83 22.61 5.83
N ALA B 473 11.19 22.76 4.57
CA ALA B 473 10.78 23.94 3.85
C ALA B 473 9.30 23.92 3.62
N PHE B 474 8.82 22.76 3.21
CA PHE B 474 7.43 22.71 2.80
C PHE B 474 6.45 22.85 3.99
N THR B 475 6.89 22.48 5.20
CA THR B 475 6.05 22.47 6.41
C THR B 475 6.46 23.58 7.43
N ALA B 476 7.18 24.57 6.94
CA ALA B 476 7.69 25.57 7.91
C ALA B 476 6.53 26.29 8.63
N ASN B 477 5.39 26.49 7.96
CA ASN B 477 4.24 27.25 8.47
C ASN B 477 3.05 26.46 8.85
N ARG B 478 2.94 25.26 8.31
CA ARG B 478 1.81 24.49 8.45
C ARG B 478 2.25 23.01 8.24
N PRO B 479 1.80 22.09 9.08
CA PRO B 479 2.12 20.69 8.87
C PRO B 479 1.44 20.18 7.59
N SER B 480 2.02 19.11 7.03
CA SER B 480 1.50 18.45 5.84
C SER B 480 1.20 16.97 6.12
N ALA B 481 -0.09 16.62 6.27
CA ALA B 481 -0.41 15.19 6.49
C ALA B 481 -0.07 14.43 5.15
N LEU B 482 -0.07 15.11 4.01
CA LEU B 482 0.27 14.50 2.69
C LEU B 482 1.63 13.78 2.78
N LEU B 483 2.57 14.38 3.52
CA LEU B 483 3.92 13.75 3.47
C LEU B 483 4.13 12.63 4.58
N SER B 484 3.14 12.41 5.44
CA SER B 484 3.30 11.51 6.59
C SER B 484 3.50 10.09 6.13
N THR B 485 3.30 9.75 4.86
CA THR B 485 3.52 8.41 4.33
C THR B 485 4.81 8.28 3.56
N VAL B 486 5.67 9.31 3.59
CA VAL B 486 7.01 9.25 3.04
C VAL B 486 7.97 9.22 4.23
N PRO B 487 8.62 8.02 4.47
CA PRO B 487 9.43 7.91 5.72
C PRO B 487 10.57 8.86 5.76
N GLU B 488 11.19 9.24 4.61
CA GLU B 488 12.27 10.25 4.62
C GLU B 488 11.82 11.61 5.06
N ALA B 489 10.52 11.93 4.74
CA ALA B 489 9.97 13.22 5.16
C ALA B 489 9.70 13.25 6.64
N VAL B 490 9.10 12.18 7.13
CA VAL B 490 8.87 12.01 8.59
C VAL B 490 10.21 12.08 9.36
N SER B 491 11.24 11.40 8.86
CA SER B 491 12.59 11.42 9.45
C SER B 491 13.21 12.83 9.47
N ALA B 492 13.02 13.58 8.38
CA ALA B 492 13.58 14.93 8.28
C ALA B 492 12.96 15.87 9.31
N LEU B 493 11.71 15.60 9.66
CA LEU B 493 10.95 16.40 10.62
C LEU B 493 11.08 15.89 12.05
#